data_1UST
#
_entry.id   1UST
#
_cell.length_a   1.000
_cell.length_b   1.000
_cell.length_c   1.000
_cell.angle_alpha   90.00
_cell.angle_beta   90.00
_cell.angle_gamma   90.00
#
_symmetry.space_group_name_H-M   'P 1'
#
_entity_poly.entity_id   1
_entity_poly.type   'polypeptide(L)'
_entity_poly.pdbx_seq_one_letter_code
;KKEEASSKSYRELIIEGLTALKERKGSSRPALKKFIKENYPIVGSASNFDLYFNNAIKKGVEAGDFEQPKGPAGAVKLAK
KKSPEVKKEKEVS
;
_entity_poly.pdbx_strand_id   A
#
# COMPACT_ATOMS: atom_id res chain seq x y z
N LYS A 2 -18.55 -7.19 5.04
CA LYS A 2 -20.01 -7.34 4.82
C LYS A 2 -20.64 -8.23 5.87
N GLU A 3 -19.93 -9.27 6.28
CA GLU A 3 -20.42 -10.17 7.31
C GLU A 3 -19.25 -10.79 8.05
N GLU A 4 -18.33 -11.33 7.28
CA GLU A 4 -17.08 -11.87 7.80
C GLU A 4 -16.22 -10.76 8.35
N ALA A 5 -15.44 -11.06 9.39
CA ALA A 5 -14.54 -10.10 9.99
C ALA A 5 -13.23 -10.01 9.20
N SER A 6 -13.34 -10.01 7.88
CA SER A 6 -12.18 -9.93 7.01
C SER A 6 -12.63 -9.72 5.55
N SER A 7 -11.92 -10.36 4.62
CA SER A 7 -12.25 -10.30 3.20
C SER A 7 -12.27 -8.85 2.69
N LYS A 8 -11.38 -8.04 3.23
CA LYS A 8 -11.14 -6.72 2.69
C LYS A 8 -9.93 -6.77 1.78
N SER A 9 -10.07 -6.31 0.56
CA SER A 9 -8.94 -6.25 -0.34
C SER A 9 -8.00 -5.15 0.11
N TYR A 10 -6.75 -5.53 0.33
CA TYR A 10 -5.73 -4.57 0.73
C TYR A 10 -5.52 -3.56 -0.39
N ARG A 11 -5.80 -4.00 -1.61
CA ARG A 11 -5.75 -3.16 -2.79
C ARG A 11 -6.59 -1.89 -2.62
N GLU A 12 -7.79 -2.05 -2.06
CA GLU A 12 -8.68 -0.93 -1.83
C GLU A 12 -8.18 -0.08 -0.67
N LEU A 13 -7.81 -0.78 0.40
CA LEU A 13 -7.39 -0.15 1.63
C LEU A 13 -6.15 0.71 1.44
N ILE A 14 -5.14 0.13 0.80
CA ILE A 14 -3.89 0.83 0.56
C ILE A 14 -4.11 2.04 -0.34
N ILE A 15 -4.78 1.85 -1.46
CA ILE A 15 -5.01 2.94 -2.39
C ILE A 15 -5.82 4.07 -1.75
N GLU A 16 -6.86 3.70 -1.00
CA GLU A 16 -7.69 4.66 -0.29
C GLU A 16 -6.83 5.61 0.53
N GLY A 17 -5.85 5.04 1.21
CA GLY A 17 -4.91 5.85 1.96
C GLY A 17 -3.85 6.44 1.10
N LEU A 18 -3.13 5.57 0.39
CA LEU A 18 -1.94 5.94 -0.36
C LEU A 18 -2.20 7.14 -1.28
N THR A 19 -3.42 7.26 -1.76
CA THR A 19 -3.81 8.38 -2.60
C THR A 19 -4.00 9.64 -1.75
N ALA A 20 -4.41 9.45 -0.50
CA ALA A 20 -4.69 10.56 0.41
C ALA A 20 -3.45 11.00 1.20
N LEU A 21 -2.77 10.05 1.84
CA LEU A 21 -1.66 10.39 2.72
C LEU A 21 -0.34 10.46 1.96
N LYS A 22 -0.44 10.65 0.65
CA LYS A 22 0.74 10.71 -0.20
C LYS A 22 1.65 11.86 0.21
N GLU A 23 1.05 12.94 0.72
CA GLU A 23 1.80 14.11 1.17
C GLU A 23 2.68 14.65 0.06
N ARG A 24 3.99 14.48 0.19
CA ARG A 24 4.95 14.94 -0.80
C ARG A 24 4.79 14.17 -2.10
N LYS A 25 4.46 12.89 -2.00
CA LYS A 25 4.26 12.04 -3.17
C LYS A 25 3.75 10.66 -2.73
N GLY A 26 4.42 10.09 -1.74
CA GLY A 26 3.98 8.82 -1.19
C GLY A 26 4.37 8.69 0.26
N SER A 27 3.95 7.59 0.89
CA SER A 27 4.26 7.36 2.31
C SER A 27 4.58 5.90 2.58
N SER A 28 5.38 5.68 3.61
CA SER A 28 5.89 4.37 3.96
C SER A 28 4.77 3.42 4.41
N ARG A 29 5.04 2.12 4.36
CA ARG A 29 4.08 1.10 4.79
C ARG A 29 3.50 1.38 6.18
N PRO A 30 4.33 1.64 7.21
CA PRO A 30 3.85 1.87 8.59
C PRO A 30 2.73 2.91 8.65
N ALA A 31 2.85 3.97 7.85
CA ALA A 31 1.83 5.00 7.79
C ALA A 31 0.53 4.45 7.19
N LEU A 32 0.66 3.68 6.11
CA LEU A 32 -0.48 3.02 5.49
C LEU A 32 -1.11 2.00 6.44
N LYS A 33 -0.27 1.25 7.13
CA LYS A 33 -0.76 0.23 8.07
C LYS A 33 -1.60 0.87 9.16
N LYS A 34 -1.20 2.05 9.62
CA LYS A 34 -1.95 2.79 10.62
C LYS A 34 -3.26 3.26 10.04
N PHE A 35 -3.16 3.86 8.86
CA PHE A 35 -4.32 4.37 8.14
C PHE A 35 -5.42 3.30 8.04
N ILE A 36 -5.02 2.09 7.66
CA ILE A 36 -5.96 1.00 7.53
C ILE A 36 -6.51 0.58 8.88
N LYS A 37 -5.67 0.54 9.89
CA LYS A 37 -6.09 0.17 11.24
C LYS A 37 -7.12 1.15 11.80
N GLU A 38 -6.90 2.44 11.55
CA GLU A 38 -7.80 3.47 12.04
C GLU A 38 -9.11 3.49 11.25
N ASN A 39 -9.01 3.30 9.95
CA ASN A 39 -10.17 3.47 9.06
C ASN A 39 -10.92 2.17 8.80
N TYR A 40 -10.19 1.08 8.59
CA TYR A 40 -10.79 -0.21 8.29
C TYR A 40 -10.42 -1.26 9.35
N PRO A 41 -11.00 -1.18 10.56
CA PRO A 41 -10.69 -2.09 11.67
C PRO A 41 -10.91 -3.56 11.32
N ILE A 42 -11.77 -3.81 10.34
CA ILE A 42 -12.06 -5.17 9.89
C ILE A 42 -10.77 -5.93 9.62
N VAL A 43 -9.97 -5.36 8.75
CA VAL A 43 -8.69 -5.90 8.38
C VAL A 43 -7.62 -5.32 9.28
N GLY A 44 -7.83 -4.09 9.69
CA GLY A 44 -6.87 -3.42 10.53
C GLY A 44 -6.56 -4.20 11.79
N SER A 45 -7.60 -4.78 12.38
CA SER A 45 -7.44 -5.60 13.57
C SER A 45 -7.49 -7.08 13.18
N ALA A 46 -6.99 -7.40 11.99
CA ALA A 46 -6.93 -8.79 11.54
C ALA A 46 -5.64 -9.42 12.00
N SER A 47 -5.69 -10.71 12.31
CA SER A 47 -4.52 -11.42 12.78
C SER A 47 -3.46 -11.49 11.67
N ASN A 48 -2.26 -11.03 12.01
CA ASN A 48 -1.13 -10.98 11.08
C ASN A 48 -1.39 -10.02 9.92
N PHE A 49 -2.19 -8.98 10.19
CA PHE A 49 -2.41 -7.92 9.21
C PHE A 49 -1.10 -7.24 8.85
N ASP A 50 -0.31 -6.97 9.87
CA ASP A 50 1.00 -6.33 9.71
C ASP A 50 1.85 -7.08 8.69
N LEU A 51 1.84 -8.41 8.79
CA LEU A 51 2.58 -9.26 7.86
C LEU A 51 1.92 -9.26 6.48
N TYR A 52 0.61 -9.47 6.46
CA TYR A 52 -0.15 -9.54 5.21
C TYR A 52 0.03 -8.27 4.38
N PHE A 53 0.08 -7.14 5.05
CA PHE A 53 0.23 -5.85 4.38
C PHE A 53 1.50 -5.81 3.53
N ASN A 54 2.59 -6.34 4.06
CA ASN A 54 3.87 -6.35 3.35
C ASN A 54 3.74 -7.13 2.04
N ASN A 55 3.11 -8.29 2.12
CA ASN A 55 2.85 -9.11 0.95
C ASN A 55 1.91 -8.39 -0.01
N ALA A 56 0.95 -7.66 0.55
CA ALA A 56 0.01 -6.89 -0.24
C ALA A 56 0.71 -5.82 -1.06
N ILE A 57 1.68 -5.14 -0.42
CA ILE A 57 2.49 -4.13 -1.11
C ILE A 57 3.25 -4.77 -2.26
N LYS A 58 3.89 -5.89 -1.96
CA LYS A 58 4.65 -6.63 -2.97
C LYS A 58 3.76 -7.06 -4.12
N LYS A 59 2.56 -7.53 -3.80
CA LYS A 59 1.59 -7.95 -4.80
C LYS A 59 1.13 -6.75 -5.63
N GLY A 60 0.94 -5.62 -4.97
CA GLY A 60 0.48 -4.44 -5.66
C GLY A 60 1.52 -3.86 -6.60
N VAL A 61 2.78 -3.84 -6.17
CA VAL A 61 3.84 -3.24 -6.98
C VAL A 61 4.14 -4.10 -8.22
N GLU A 62 4.08 -5.42 -8.07
CA GLU A 62 4.25 -6.32 -9.20
C GLU A 62 3.07 -6.18 -10.17
N ALA A 63 1.89 -5.97 -9.61
CA ALA A 63 0.67 -5.79 -10.40
C ALA A 63 0.67 -4.45 -11.11
N GLY A 64 1.57 -3.57 -10.68
CA GLY A 64 1.64 -2.24 -11.25
C GLY A 64 0.51 -1.36 -10.77
N ASP A 65 0.17 -1.50 -9.49
CA ASP A 65 -0.89 -0.70 -8.89
C ASP A 65 -0.28 0.21 -7.83
N PHE A 66 0.77 -0.28 -7.18
CA PHE A 66 1.55 0.55 -6.29
C PHE A 66 3.00 0.58 -6.76
N GLU A 67 3.75 1.59 -6.37
CA GLU A 67 5.16 1.72 -6.72
C GLU A 67 5.92 2.31 -5.55
N GLN A 68 7.14 1.86 -5.33
CA GLN A 68 7.92 2.36 -4.21
C GLN A 68 9.10 3.20 -4.67
N PRO A 69 8.98 4.53 -4.54
CA PRO A 69 10.02 5.48 -4.96
C PRO A 69 11.33 5.28 -4.19
N LYS A 70 11.21 4.92 -2.92
CA LYS A 70 12.38 4.72 -2.07
C LYS A 70 12.78 3.26 -2.01
N GLY A 71 12.49 2.53 -3.09
CA GLY A 71 12.86 1.13 -3.14
C GLY A 71 11.96 0.25 -2.29
N PRO A 72 12.15 -1.07 -2.36
CA PRO A 72 11.37 -2.02 -1.57
C PRO A 72 11.61 -1.83 -0.09
N ALA A 73 10.55 -1.95 0.68
CA ALA A 73 10.58 -1.73 2.12
C ALA A 73 10.83 -0.26 2.43
N GLY A 74 10.19 0.61 1.66
CA GLY A 74 10.29 2.03 1.88
C GLY A 74 8.95 2.71 1.82
N ALA A 75 8.90 3.88 1.18
CA ALA A 75 7.66 4.59 0.99
C ALA A 75 6.96 4.10 -0.28
N VAL A 76 5.66 3.87 -0.17
CA VAL A 76 4.86 3.46 -1.32
C VAL A 76 4.15 4.67 -1.92
N LYS A 77 3.85 4.58 -3.20
CA LYS A 77 3.23 5.66 -3.94
C LYS A 77 2.28 5.06 -4.96
N LEU A 78 1.07 5.61 -5.03
CA LEU A 78 0.09 5.10 -5.95
C LEU A 78 0.65 5.10 -7.38
N ALA A 79 0.74 3.93 -7.99
CA ALA A 79 1.23 3.82 -9.35
C ALA A 79 0.13 4.09 -10.36
N LYS A 80 0.43 4.98 -11.30
CA LYS A 80 -0.50 5.30 -12.36
C LYS A 80 0.21 5.25 -13.70
N LYS A 81 1.44 5.75 -13.71
CA LYS A 81 2.28 5.71 -14.89
C LYS A 81 3.71 5.38 -14.49
N LYS A 82 4.36 4.50 -15.25
CA LYS A 82 5.75 4.16 -15.01
C LYS A 82 6.66 5.26 -15.53
N SER A 83 6.47 6.45 -15.00
CA SER A 83 7.22 7.63 -15.38
C SER A 83 8.66 7.54 -14.88
N PRO A 84 9.59 8.29 -15.54
CA PRO A 84 11.00 8.30 -15.16
C PRO A 84 11.24 8.96 -13.80
N GLU A 85 12.51 9.02 -13.42
CA GLU A 85 12.91 9.54 -12.11
C GLU A 85 12.36 8.68 -10.99
N VAL A 86 12.36 7.38 -11.25
CA VAL A 86 12.03 6.38 -10.24
C VAL A 86 13.08 5.29 -10.30
N LYS A 87 14.32 5.70 -10.18
CA LYS A 87 15.46 4.79 -10.30
C LYS A 87 16.15 4.62 -8.96
N LYS A 88 15.34 4.44 -7.92
CA LYS A 88 15.85 4.21 -6.57
C LYS A 88 15.15 2.99 -5.98
N GLU A 89 14.67 2.12 -6.85
CA GLU A 89 13.90 0.95 -6.43
C GLU A 89 14.75 -0.31 -6.40
N LYS A 90 16.00 -0.18 -6.85
CA LYS A 90 16.94 -1.30 -6.91
C LYS A 90 16.53 -2.33 -7.98
N GLU A 91 15.50 -3.10 -7.68
CA GLU A 91 15.06 -4.19 -8.56
C GLU A 91 13.61 -4.58 -8.30
N VAL A 92 12.71 -3.61 -8.36
CA VAL A 92 11.28 -3.90 -8.24
C VAL A 92 10.73 -4.36 -9.59
N SER A 93 11.31 -5.44 -10.11
CA SER A 93 10.96 -5.96 -11.41
C SER A 93 11.55 -7.35 -11.58
N LYS A 2 -22.88 -12.32 10.28
CA LYS A 2 -22.99 -10.92 10.73
C LYS A 2 -21.70 -10.16 10.43
N GLU A 3 -21.85 -8.94 9.93
CA GLU A 3 -20.70 -8.11 9.54
C GLU A 3 -19.85 -8.82 8.48
N GLU A 4 -18.55 -8.75 8.68
CA GLU A 4 -17.59 -9.42 7.82
C GLU A 4 -16.25 -9.45 8.53
N ALA A 5 -15.52 -10.53 8.37
CA ALA A 5 -14.22 -10.68 9.01
C ALA A 5 -13.17 -9.84 8.29
N SER A 6 -11.94 -10.33 8.26
CA SER A 6 -10.85 -9.65 7.56
C SER A 6 -10.93 -9.91 6.05
N SER A 7 -12.14 -10.15 5.56
CA SER A 7 -12.36 -10.41 4.14
C SER A 7 -12.33 -9.12 3.34
N LYS A 8 -11.42 -8.23 3.71
CA LYS A 8 -11.19 -7.02 2.95
C LYS A 8 -10.10 -7.28 1.92
N SER A 9 -10.18 -6.64 0.78
CA SER A 9 -9.25 -6.90 -0.31
C SER A 9 -7.86 -6.37 0.01
N TYR A 10 -7.80 -5.50 1.00
CA TYR A 10 -6.58 -4.79 1.41
C TYR A 10 -6.16 -3.76 0.39
N ARG A 11 -6.22 -4.13 -0.89
CA ARG A 11 -5.93 -3.22 -1.99
C ARG A 11 -6.79 -1.96 -1.89
N GLU A 12 -8.07 -2.17 -1.64
CA GLU A 12 -9.01 -1.09 -1.45
C GLU A 12 -8.61 -0.21 -0.27
N LEU A 13 -8.25 -0.84 0.84
CA LEU A 13 -7.81 -0.13 2.04
C LEU A 13 -6.54 0.68 1.79
N ILE A 14 -5.52 0.01 1.26
CA ILE A 14 -4.23 0.62 1.02
C ILE A 14 -4.33 1.76 0.03
N ILE A 15 -4.92 1.50 -1.12
CA ILE A 15 -4.99 2.50 -2.18
C ILE A 15 -5.80 3.72 -1.76
N GLU A 16 -6.91 3.48 -1.07
CA GLU A 16 -7.75 4.55 -0.56
C GLU A 16 -6.93 5.47 0.32
N GLY A 17 -6.02 4.89 1.08
CA GLY A 17 -5.10 5.67 1.87
C GLY A 17 -3.98 6.23 1.05
N LEU A 18 -3.23 5.33 0.43
CA LEU A 18 -2.01 5.66 -0.29
C LEU A 18 -2.20 6.83 -1.25
N THR A 19 -3.39 6.94 -1.82
CA THR A 19 -3.71 8.05 -2.72
C THR A 19 -3.91 9.36 -1.93
N ALA A 20 -4.40 9.23 -0.70
CA ALA A 20 -4.72 10.38 0.13
C ALA A 20 -3.52 10.87 0.96
N LEU A 21 -2.86 9.95 1.67
CA LEU A 21 -1.83 10.36 2.62
C LEU A 21 -0.45 10.39 1.98
N LYS A 22 -0.40 10.40 0.66
CA LYS A 22 0.87 10.45 -0.05
C LYS A 22 1.56 11.80 0.16
N GLU A 23 0.74 12.83 0.36
CA GLU A 23 1.22 14.19 0.57
C GLU A 23 2.05 14.65 -0.64
N ARG A 24 3.34 14.86 -0.42
CA ARG A 24 4.23 15.36 -1.48
C ARG A 24 4.41 14.36 -2.61
N LYS A 25 4.28 13.07 -2.31
CA LYS A 25 4.40 12.03 -3.35
C LYS A 25 4.05 10.64 -2.84
N GLY A 26 4.52 10.28 -1.65
CA GLY A 26 4.29 8.92 -1.17
C GLY A 26 4.21 8.81 0.34
N SER A 27 3.57 7.73 0.79
CA SER A 27 3.35 7.50 2.20
C SER A 27 4.27 6.41 2.73
N SER A 28 4.72 6.57 3.97
CA SER A 28 5.50 5.54 4.63
C SER A 28 4.63 4.28 4.82
N ARG A 29 5.24 3.12 4.65
CA ARG A 29 4.51 1.85 4.78
C ARG A 29 3.78 1.72 6.13
N PRO A 30 4.45 1.96 7.27
CA PRO A 30 3.79 1.92 8.59
C PRO A 30 2.63 2.90 8.67
N ALA A 31 2.71 4.00 7.92
CA ALA A 31 1.64 4.99 7.88
C ALA A 31 0.41 4.42 7.20
N LEU A 32 0.63 3.63 6.14
CA LEU A 32 -0.46 2.95 5.45
C LEU A 32 -1.15 1.96 6.40
N LYS A 33 -0.35 1.22 7.15
CA LYS A 33 -0.87 0.30 8.15
C LYS A 33 -1.76 1.04 9.15
N LYS A 34 -1.31 2.22 9.54
CA LYS A 34 -2.03 3.03 10.52
C LYS A 34 -3.34 3.51 9.94
N PHE A 35 -3.27 4.04 8.72
CA PHE A 35 -4.43 4.52 8.01
C PHE A 35 -5.52 3.45 7.98
N ILE A 36 -5.11 2.23 7.66
CA ILE A 36 -6.03 1.11 7.58
C ILE A 36 -6.66 0.82 8.93
N LYS A 37 -5.85 0.82 9.98
CA LYS A 37 -6.33 0.55 11.33
C LYS A 37 -7.31 1.62 11.79
N GLU A 38 -7.04 2.87 11.43
CA GLU A 38 -7.89 3.98 11.83
C GLU A 38 -9.24 3.94 11.11
N ASN A 39 -9.22 3.57 9.84
CA ASN A 39 -10.44 3.60 9.02
C ASN A 39 -11.15 2.26 9.00
N TYR A 40 -10.40 1.18 8.89
CA TYR A 40 -10.96 -0.16 8.84
C TYR A 40 -10.40 -1.04 9.95
N PRO A 41 -10.87 -0.85 11.19
CA PRO A 41 -10.40 -1.62 12.35
C PRO A 41 -10.61 -3.13 12.20
N ILE A 42 -11.49 -3.50 11.27
CA ILE A 42 -11.76 -4.91 10.97
C ILE A 42 -10.48 -5.62 10.61
N VAL A 43 -9.92 -5.19 9.50
CA VAL A 43 -8.66 -5.69 9.02
C VAL A 43 -7.51 -5.11 9.83
N GLY A 44 -7.69 -3.88 10.28
CA GLY A 44 -6.65 -3.20 11.02
C GLY A 44 -6.12 -4.02 12.18
N SER A 45 -7.04 -4.67 12.89
CA SER A 45 -6.67 -5.51 14.01
C SER A 45 -6.72 -6.99 13.62
N ALA A 46 -6.44 -7.27 12.35
CA ALA A 46 -6.43 -8.65 11.86
C ALA A 46 -5.18 -9.39 12.33
N SER A 47 -5.32 -10.69 12.53
CA SER A 47 -4.24 -11.51 13.06
C SER A 47 -2.98 -11.43 12.21
N ASN A 48 -3.12 -11.57 10.91
CA ASN A 48 -1.98 -11.49 10.03
C ASN A 48 -2.06 -10.27 9.13
N PHE A 49 -2.59 -9.18 9.68
CA PHE A 49 -2.70 -7.92 8.96
C PHE A 49 -1.34 -7.50 8.44
N ASP A 50 -0.35 -7.58 9.31
CA ASP A 50 1.02 -7.18 8.97
C ASP A 50 1.54 -7.98 7.77
N LEU A 51 1.35 -9.29 7.83
CA LEU A 51 1.79 -10.19 6.75
C LEU A 51 1.02 -9.88 5.47
N TYR A 52 -0.29 -9.80 5.58
CA TYR A 52 -1.15 -9.55 4.44
C TYR A 52 -0.79 -8.23 3.76
N PHE A 53 -0.58 -7.19 4.55
CA PHE A 53 -0.21 -5.88 4.05
C PHE A 53 1.05 -5.95 3.20
N ASN A 54 2.06 -6.63 3.73
CA ASN A 54 3.35 -6.75 3.06
C ASN A 54 3.22 -7.46 1.71
N ASN A 55 2.46 -8.55 1.68
CA ASN A 55 2.23 -9.26 0.41
C ASN A 55 1.42 -8.40 -0.55
N ALA A 56 0.45 -7.67 -0.02
CA ALA A 56 -0.36 -6.78 -0.84
C ALA A 56 0.49 -5.72 -1.51
N ILE A 57 1.37 -5.10 -0.72
CA ILE A 57 2.30 -4.10 -1.24
C ILE A 57 3.24 -4.71 -2.28
N LYS A 58 3.88 -5.82 -1.92
CA LYS A 58 4.89 -6.43 -2.77
C LYS A 58 4.31 -6.88 -4.11
N LYS A 59 3.11 -7.45 -4.09
CA LYS A 59 2.47 -7.88 -5.33
C LYS A 59 2.00 -6.67 -6.13
N GLY A 60 1.58 -5.64 -5.42
CA GLY A 60 1.07 -4.46 -6.07
C GLY A 60 2.14 -3.69 -6.82
N VAL A 61 3.33 -3.58 -6.24
CA VAL A 61 4.41 -2.82 -6.86
C VAL A 61 4.85 -3.47 -8.18
N GLU A 62 4.97 -4.80 -8.18
CA GLU A 62 5.32 -5.53 -9.40
C GLU A 62 4.20 -5.44 -10.44
N ALA A 63 2.96 -5.58 -9.99
CA ALA A 63 1.81 -5.56 -10.88
C ALA A 63 1.63 -4.20 -11.54
N GLY A 64 2.08 -3.15 -10.87
CA GLY A 64 1.89 -1.81 -11.37
C GLY A 64 0.68 -1.14 -10.75
N ASP A 65 0.47 -1.44 -9.48
CA ASP A 65 -0.63 -0.88 -8.72
C ASP A 65 -0.09 0.04 -7.64
N PHE A 66 0.98 -0.42 -6.98
CA PHE A 66 1.71 0.43 -6.06
C PHE A 66 3.11 0.67 -6.62
N GLU A 67 3.85 1.56 -5.98
CA GLU A 67 5.16 1.93 -6.47
C GLU A 67 6.01 2.41 -5.28
N GLN A 68 7.26 1.97 -5.24
CA GLN A 68 8.16 2.34 -4.15
C GLN A 68 9.41 3.02 -4.72
N PRO A 69 9.51 4.35 -4.56
CA PRO A 69 10.67 5.11 -5.03
C PRO A 69 11.96 4.68 -4.32
N LYS A 70 11.84 4.34 -3.05
CA LYS A 70 13.00 3.89 -2.27
C LYS A 70 13.13 2.37 -2.34
N GLY A 71 12.45 1.76 -3.30
CA GLY A 71 12.53 0.32 -3.48
C GLY A 71 12.01 -0.45 -2.28
N PRO A 72 12.60 -1.63 -1.99
CA PRO A 72 12.19 -2.49 -0.88
C PRO A 72 12.28 -1.77 0.46
N ALA A 73 11.23 -1.92 1.26
CA ALA A 73 11.12 -1.29 2.58
C ALA A 73 11.16 0.23 2.46
N GLY A 74 10.65 0.73 1.34
CA GLY A 74 10.59 2.16 1.14
C GLY A 74 9.17 2.64 1.06
N ALA A 75 8.96 3.94 1.27
CA ALA A 75 7.64 4.54 1.24
C ALA A 75 6.94 4.25 -0.09
N VAL A 76 5.71 3.78 0.00
CA VAL A 76 4.94 3.44 -1.19
C VAL A 76 4.15 4.64 -1.68
N LYS A 77 3.83 4.62 -2.95
CA LYS A 77 3.02 5.66 -3.56
C LYS A 77 2.27 5.10 -4.74
N LEU A 78 1.00 5.47 -4.83
CA LEU A 78 0.12 4.92 -5.84
C LEU A 78 0.77 5.01 -7.22
N ALA A 79 0.83 3.88 -7.92
CA ALA A 79 1.36 3.88 -9.27
C ALA A 79 0.40 4.59 -10.21
N LYS A 80 0.90 5.54 -10.96
CA LYS A 80 0.07 6.33 -11.87
C LYS A 80 -0.25 5.50 -13.10
N LYS A 81 -1.40 4.81 -13.04
CA LYS A 81 -1.86 3.88 -14.09
C LYS A 81 -0.88 2.70 -14.26
N LYS A 82 -1.30 1.72 -15.05
CA LYS A 82 -0.55 0.46 -15.18
C LYS A 82 0.85 0.72 -15.74
N SER A 83 0.91 1.41 -16.87
CA SER A 83 2.18 1.72 -17.50
C SER A 83 2.91 2.80 -16.71
N PRO A 84 4.22 2.63 -16.50
CA PRO A 84 5.03 3.51 -15.66
C PRO A 84 4.83 4.99 -15.95
N GLU A 85 4.69 5.75 -14.88
CA GLU A 85 4.53 7.19 -14.94
C GLU A 85 5.15 7.80 -13.68
N VAL A 86 6.36 7.38 -13.40
CA VAL A 86 7.07 7.81 -12.20
C VAL A 86 7.95 9.01 -12.53
N LYS A 87 7.88 10.03 -11.68
CA LYS A 87 8.67 11.23 -11.89
C LYS A 87 10.14 10.96 -11.60
N LYS A 88 10.37 10.07 -10.65
CA LYS A 88 11.70 9.55 -10.38
C LYS A 88 12.12 8.61 -11.51
N GLU A 89 13.42 8.51 -11.75
CA GLU A 89 13.96 7.64 -12.79
C GLU A 89 13.85 6.16 -12.40
N LYS A 90 12.63 5.76 -12.05
CA LYS A 90 12.35 4.43 -11.56
C LYS A 90 12.41 3.40 -12.70
N GLU A 91 11.72 3.72 -13.80
CA GLU A 91 11.57 2.83 -14.95
C GLU A 91 10.57 1.70 -14.66
N VAL A 92 10.57 1.26 -13.40
CA VAL A 92 9.70 0.17 -12.92
C VAL A 92 10.17 -1.19 -13.41
N SER A 93 10.40 -1.30 -14.72
CA SER A 93 10.95 -2.51 -15.31
C SER A 93 10.05 -3.72 -15.02
N LYS A 2 -19.05 -10.52 1.30
CA LYS A 2 -20.39 -10.74 1.89
C LYS A 2 -20.36 -10.55 3.40
N GLU A 3 -20.13 -9.31 3.83
CA GLU A 3 -19.99 -8.98 5.25
C GLU A 3 -18.81 -9.75 5.83
N GLU A 4 -17.65 -9.51 5.24
CA GLU A 4 -16.44 -10.24 5.59
C GLU A 4 -16.06 -9.99 7.03
N ALA A 5 -15.52 -11.00 7.68
CA ALA A 5 -15.03 -10.86 9.02
C ALA A 5 -13.62 -10.31 9.02
N SER A 6 -12.88 -10.61 7.96
CA SER A 6 -11.49 -10.19 7.84
C SER A 6 -11.02 -10.13 6.40
N SER A 7 -11.85 -10.62 5.48
CA SER A 7 -11.49 -10.69 4.06
C SER A 7 -11.66 -9.35 3.36
N LYS A 8 -11.02 -8.32 3.87
CA LYS A 8 -10.98 -7.03 3.18
C LYS A 8 -9.86 -7.05 2.15
N SER A 9 -10.13 -6.51 0.98
CA SER A 9 -9.11 -6.37 -0.03
C SER A 9 -8.13 -5.29 0.37
N TYR A 10 -6.88 -5.68 0.61
CA TYR A 10 -5.85 -4.75 1.04
C TYR A 10 -5.61 -3.70 -0.02
N ARG A 11 -5.81 -4.08 -1.27
CA ARG A 11 -5.67 -3.16 -2.40
C ARG A 11 -6.49 -1.89 -2.18
N GLU A 12 -7.76 -2.08 -1.81
CA GLU A 12 -8.65 -0.96 -1.56
C GLU A 12 -8.14 -0.13 -0.40
N LEU A 13 -7.76 -0.81 0.66
CA LEU A 13 -7.27 -0.17 1.87
C LEU A 13 -6.03 0.66 1.58
N ILE A 14 -5.08 0.05 0.87
CA ILE A 14 -3.83 0.68 0.54
C ILE A 14 -4.05 1.89 -0.36
N ILE A 15 -4.74 1.69 -1.48
CA ILE A 15 -4.97 2.78 -2.43
C ILE A 15 -5.73 3.94 -1.80
N GLU A 16 -6.79 3.62 -1.07
CA GLU A 16 -7.60 4.63 -0.40
C GLU A 16 -6.74 5.52 0.48
N GLY A 17 -5.78 4.92 1.15
CA GLY A 17 -4.84 5.68 1.92
C GLY A 17 -3.75 6.28 1.10
N LEU A 18 -3.01 5.42 0.41
CA LEU A 18 -1.81 5.78 -0.35
C LEU A 18 -2.02 7.02 -1.21
N THR A 19 -3.22 7.15 -1.76
CA THR A 19 -3.57 8.29 -2.60
C THR A 19 -3.64 9.57 -1.75
N ALA A 20 -4.09 9.41 -0.51
CA ALA A 20 -4.29 10.54 0.39
C ALA A 20 -3.03 10.92 1.17
N LEU A 21 -2.42 9.94 1.86
CA LEU A 21 -1.34 10.28 2.78
C LEU A 21 0.03 10.20 2.10
N LYS A 22 0.03 10.28 0.77
CA LYS A 22 1.28 10.24 0.00
C LYS A 22 2.22 11.39 0.38
N GLU A 23 1.66 12.44 0.99
CA GLU A 23 2.41 13.64 1.32
C GLU A 23 2.91 14.31 0.04
N ARG A 24 4.23 14.35 -0.12
CA ARG A 24 4.84 14.93 -1.31
C ARG A 24 4.66 14.03 -2.52
N LYS A 25 4.95 12.74 -2.35
CA LYS A 25 4.92 11.78 -3.45
C LYS A 25 5.29 10.37 -2.96
N GLY A 26 5.03 10.09 -1.69
CA GLY A 26 5.33 8.78 -1.16
C GLY A 26 5.12 8.70 0.33
N SER A 27 4.33 7.73 0.75
CA SER A 27 4.06 7.51 2.16
C SER A 27 4.65 6.18 2.61
N SER A 28 5.33 6.20 3.74
CA SER A 28 5.93 5.00 4.29
C SER A 28 4.85 3.94 4.52
N ARG A 29 5.14 2.69 4.14
CA ARG A 29 4.15 1.63 4.24
C ARG A 29 3.56 1.48 5.67
N PRO A 30 4.36 1.59 6.77
CA PRO A 30 3.81 1.52 8.13
C PRO A 30 2.74 2.58 8.40
N ALA A 31 2.83 3.71 7.71
CA ALA A 31 1.87 4.78 7.87
C ALA A 31 0.48 4.33 7.42
N LEU A 32 0.42 3.67 6.27
CA LEU A 32 -0.84 3.14 5.75
C LEU A 32 -1.46 2.15 6.72
N LYS A 33 -0.63 1.40 7.43
CA LYS A 33 -1.12 0.43 8.41
C LYS A 33 -2.01 1.11 9.44
N LYS A 34 -1.63 2.31 9.84
CA LYS A 34 -2.42 3.10 10.77
C LYS A 34 -3.73 3.51 10.11
N PHE A 35 -3.59 4.11 8.94
CA PHE A 35 -4.73 4.57 8.15
C PHE A 35 -5.75 3.45 7.97
N ILE A 36 -5.26 2.26 7.67
CA ILE A 36 -6.11 1.11 7.44
C ILE A 36 -6.85 0.71 8.72
N LYS A 37 -6.12 0.63 9.82
CA LYS A 37 -6.73 0.25 11.09
C LYS A 37 -7.83 1.21 11.51
N GLU A 38 -7.56 2.50 11.35
CA GLU A 38 -8.48 3.54 11.78
C GLU A 38 -9.76 3.52 10.96
N ASN A 39 -9.63 3.22 9.67
CA ASN A 39 -10.78 3.26 8.77
C ASN A 39 -11.43 1.88 8.62
N TYR A 40 -10.62 0.84 8.68
CA TYR A 40 -11.10 -0.52 8.53
C TYR A 40 -10.58 -1.41 9.67
N PRO A 41 -11.16 -1.29 10.87
CA PRO A 41 -10.76 -2.09 12.04
C PRO A 41 -10.86 -3.59 11.78
N ILE A 42 -11.66 -3.94 10.78
CA ILE A 42 -11.83 -5.33 10.36
C ILE A 42 -10.48 -5.98 10.09
N VAL A 43 -9.84 -5.50 9.05
CA VAL A 43 -8.52 -5.95 8.67
C VAL A 43 -7.48 -5.39 9.62
N GLY A 44 -7.78 -4.21 10.16
CA GLY A 44 -6.83 -3.54 11.03
C GLY A 44 -6.35 -4.43 12.16
N SER A 45 -7.23 -5.30 12.65
CA SER A 45 -6.85 -6.24 13.69
C SER A 45 -6.93 -7.67 13.16
N ALA A 46 -6.44 -7.88 11.94
CA ALA A 46 -6.49 -9.19 11.30
C ALA A 46 -5.35 -10.09 11.77
N SER A 47 -4.72 -9.70 12.87
CA SER A 47 -3.63 -10.46 13.51
C SER A 47 -2.34 -10.45 12.67
N ASN A 48 -2.40 -11.00 11.46
CA ASN A 48 -1.25 -10.98 10.57
C ASN A 48 -1.40 -9.85 9.56
N PHE A 49 -2.08 -8.80 9.98
CA PHE A 49 -2.33 -7.65 9.14
C PHE A 49 -1.04 -7.05 8.61
N ASP A 50 -0.06 -6.87 9.49
CA ASP A 50 1.20 -6.25 9.10
C ASP A 50 1.92 -7.08 8.04
N LEU A 51 1.91 -8.40 8.23
CA LEU A 51 2.54 -9.31 7.29
C LEU A 51 1.80 -9.31 5.96
N TYR A 52 0.48 -9.44 6.04
CA TYR A 52 -0.36 -9.46 4.87
C TYR A 52 -0.25 -8.16 4.09
N PHE A 53 -0.20 -7.05 4.83
CA PHE A 53 -0.06 -5.73 4.23
C PHE A 53 1.23 -5.63 3.41
N ASN A 54 2.32 -6.15 3.98
CA ASN A 54 3.61 -6.12 3.31
C ASN A 54 3.54 -6.90 2.00
N ASN A 55 2.91 -8.06 2.05
CA ASN A 55 2.71 -8.89 0.87
C ASN A 55 1.82 -8.18 -0.14
N ALA A 56 0.81 -7.48 0.36
CA ALA A 56 -0.12 -6.73 -0.48
C ALA A 56 0.61 -5.64 -1.26
N ILE A 57 1.53 -4.95 -0.57
CA ILE A 57 2.37 -3.94 -1.20
C ILE A 57 3.19 -4.55 -2.32
N LYS A 58 3.83 -5.67 -2.00
CA LYS A 58 4.66 -6.40 -2.96
C LYS A 58 3.86 -6.81 -4.18
N LYS A 59 2.69 -7.38 -3.95
CA LYS A 59 1.82 -7.81 -5.04
C LYS A 59 1.38 -6.63 -5.88
N GLY A 60 1.06 -5.53 -5.21
CA GLY A 60 0.63 -4.34 -5.92
C GLY A 60 1.70 -3.73 -6.79
N VAL A 61 2.92 -3.64 -6.26
CA VAL A 61 4.00 -3.01 -7.01
C VAL A 61 4.43 -3.87 -8.21
N GLU A 62 4.40 -5.19 -8.05
CA GLU A 62 4.73 -6.10 -9.15
C GLU A 62 3.61 -6.14 -10.19
N ALA A 63 2.37 -6.00 -9.73
CA ALA A 63 1.21 -6.02 -10.61
C ALA A 63 1.06 -4.71 -11.37
N GLY A 64 1.71 -3.67 -10.86
CA GLY A 64 1.61 -2.36 -11.48
C GLY A 64 0.40 -1.61 -10.98
N ASP A 65 0.17 -1.69 -9.68
CA ASP A 65 -0.95 -1.01 -9.03
C ASP A 65 -0.41 0.02 -8.05
N PHE A 66 0.68 -0.36 -7.36
CA PHE A 66 1.40 0.57 -6.51
C PHE A 66 2.83 0.73 -7.05
N GLU A 67 3.52 1.79 -6.65
CA GLU A 67 4.90 1.98 -7.05
C GLU A 67 5.70 2.57 -5.89
N GLN A 68 6.85 1.97 -5.60
CA GLN A 68 7.67 2.40 -4.47
C GLN A 68 8.90 3.14 -4.96
N PRO A 69 8.96 4.46 -4.72
CA PRO A 69 10.07 5.30 -5.16
C PRO A 69 11.36 5.05 -4.38
N LYS A 70 11.21 4.80 -3.09
CA LYS A 70 12.37 4.65 -2.21
C LYS A 70 12.89 3.22 -2.21
N GLY A 71 12.00 2.26 -2.03
CA GLY A 71 12.39 0.87 -1.99
C GLY A 71 11.25 -0.03 -1.60
N PRO A 72 11.43 -1.36 -1.69
CA PRO A 72 10.39 -2.34 -1.36
C PRO A 72 9.97 -2.26 0.10
N ALA A 73 10.90 -1.95 0.96
CA ALA A 73 10.63 -1.82 2.37
C ALA A 73 10.58 -0.36 2.78
N GLY A 74 9.93 0.47 1.98
CA GLY A 74 9.87 1.88 2.30
C GLY A 74 8.56 2.53 1.91
N ALA A 75 8.64 3.78 1.49
CA ALA A 75 7.47 4.55 1.13
C ALA A 75 6.89 4.10 -0.22
N VAL A 76 5.57 4.01 -0.27
CA VAL A 76 4.87 3.67 -1.49
C VAL A 76 4.15 4.91 -2.02
N LYS A 77 3.84 4.89 -3.29
CA LYS A 77 3.06 5.94 -3.92
C LYS A 77 2.10 5.29 -4.90
N LEU A 78 0.88 5.80 -4.97
CA LEU A 78 -0.11 5.27 -5.89
C LEU A 78 0.43 5.30 -7.31
N ALA A 79 0.53 4.15 -7.93
CA ALA A 79 1.07 4.06 -9.28
C ALA A 79 0.04 4.51 -10.30
N LYS A 80 0.48 5.32 -11.24
CA LYS A 80 -0.38 5.72 -12.33
C LYS A 80 -0.64 4.51 -13.23
N LYS A 81 -1.91 4.18 -13.41
CA LYS A 81 -2.28 3.08 -14.26
C LYS A 81 -1.96 3.44 -15.70
N LYS A 82 -2.18 4.71 -16.01
CA LYS A 82 -1.83 5.26 -17.31
C LYS A 82 -0.36 5.67 -17.35
N SER A 83 0.52 4.69 -17.52
CA SER A 83 1.96 4.91 -17.59
C SER A 83 2.57 5.26 -16.24
N PRO A 84 3.51 4.44 -15.77
CA PRO A 84 4.23 4.64 -14.51
C PRO A 84 5.11 5.88 -14.54
N GLU A 85 5.44 6.41 -13.36
CA GLU A 85 6.39 7.51 -13.26
C GLU A 85 7.11 7.46 -11.92
N VAL A 86 7.49 6.25 -11.52
CA VAL A 86 8.24 6.06 -10.28
C VAL A 86 9.73 6.02 -10.59
N LYS A 87 10.51 6.74 -9.76
CA LYS A 87 11.98 6.82 -9.91
C LYS A 87 12.40 6.94 -11.37
N LYS A 88 12.05 8.07 -11.98
CA LYS A 88 12.32 8.31 -13.41
C LYS A 88 13.82 8.51 -13.67
N GLU A 89 14.63 7.59 -13.17
CA GLU A 89 16.07 7.62 -13.38
C GLU A 89 16.42 7.25 -14.81
N LYS A 90 15.55 6.44 -15.42
CA LYS A 90 15.75 5.98 -16.78
C LYS A 90 14.43 5.44 -17.34
N GLU A 91 14.51 4.38 -18.13
CA GLU A 91 13.31 3.76 -18.70
C GLU A 91 12.47 3.11 -17.60
N VAL A 92 11.21 3.54 -17.51
CA VAL A 92 10.29 3.05 -16.50
C VAL A 92 8.86 3.45 -16.87
N SER A 93 8.52 3.21 -18.12
CA SER A 93 7.20 3.52 -18.65
C SER A 93 6.92 2.64 -19.85
N LYS A 2 -20.37 -10.84 1.64
CA LYS A 2 -18.96 -10.84 2.12
C LYS A 2 -18.91 -10.97 3.64
N GLU A 3 -19.74 -11.85 4.19
CA GLU A 3 -19.78 -12.08 5.63
C GLU A 3 -18.63 -12.98 6.08
N GLU A 4 -17.41 -12.53 5.84
CA GLU A 4 -16.23 -13.24 6.30
C GLU A 4 -15.29 -12.26 6.97
N ALA A 5 -14.48 -12.75 7.89
CA ALA A 5 -13.56 -11.89 8.62
C ALA A 5 -12.54 -11.26 7.71
N SER A 6 -12.33 -9.96 7.89
CA SER A 6 -11.38 -9.16 7.12
C SER A 6 -11.59 -9.32 5.62
N SER A 7 -12.83 -9.17 5.18
CA SER A 7 -13.15 -9.24 3.76
C SER A 7 -12.93 -7.90 3.08
N LYS A 8 -12.13 -7.05 3.72
CA LYS A 8 -11.77 -5.79 3.12
C LYS A 8 -10.61 -6.01 2.18
N SER A 9 -10.79 -5.64 0.92
CA SER A 9 -9.75 -5.81 -0.06
C SER A 9 -8.61 -4.84 0.22
N TYR A 10 -7.42 -5.37 0.44
CA TYR A 10 -6.25 -4.57 0.78
C TYR A 10 -5.96 -3.54 -0.30
N ARG A 11 -6.25 -3.91 -1.54
CA ARG A 11 -6.08 -3.00 -2.68
C ARG A 11 -6.87 -1.69 -2.48
N GLU A 12 -8.08 -1.81 -1.93
CA GLU A 12 -8.89 -0.63 -1.66
C GLU A 12 -8.29 0.17 -0.52
N LEU A 13 -8.03 -0.52 0.57
CA LEU A 13 -7.51 0.07 1.80
C LEU A 13 -6.20 0.81 1.55
N ILE A 14 -5.27 0.14 0.88
CA ILE A 14 -3.98 0.73 0.60
C ILE A 14 -4.11 1.95 -0.29
N ILE A 15 -4.79 1.80 -1.42
CA ILE A 15 -4.90 2.88 -2.37
C ILE A 15 -5.63 4.09 -1.79
N GLU A 16 -6.76 3.83 -1.12
CA GLU A 16 -7.52 4.89 -0.48
C GLU A 16 -6.64 5.62 0.53
N GLY A 17 -5.86 4.85 1.26
CA GLY A 17 -4.94 5.41 2.21
C GLY A 17 -3.78 6.12 1.55
N LEU A 18 -3.11 5.40 0.67
CA LEU A 18 -1.92 5.87 -0.02
C LEU A 18 -2.17 7.21 -0.73
N THR A 19 -3.35 7.37 -1.29
CA THR A 19 -3.69 8.59 -2.00
C THR A 19 -3.97 9.73 -0.99
N ALA A 20 -4.49 9.36 0.18
CA ALA A 20 -4.78 10.33 1.22
C ALA A 20 -3.50 10.84 1.89
N LEU A 21 -2.68 9.92 2.36
CA LEU A 21 -1.44 10.27 3.02
C LEU A 21 -0.29 10.41 2.04
N LYS A 22 -0.61 10.81 0.82
CA LYS A 22 0.37 10.94 -0.24
C LYS A 22 1.55 11.83 0.19
N GLU A 23 1.24 12.85 1.02
CA GLU A 23 2.23 13.81 1.55
C GLU A 23 2.81 14.69 0.43
N ARG A 24 3.24 14.05 -0.64
CA ARG A 24 3.83 14.70 -1.78
C ARG A 24 3.64 13.83 -3.02
N LYS A 25 3.56 12.51 -2.78
CA LYS A 25 3.30 11.54 -3.82
C LYS A 25 2.98 10.18 -3.21
N GLY A 26 3.73 9.80 -2.17
CA GLY A 26 3.50 8.55 -1.49
C GLY A 26 4.11 8.53 -0.10
N SER A 27 3.63 7.64 0.76
CA SER A 27 4.13 7.55 2.13
C SER A 27 4.61 6.13 2.44
N SER A 28 5.40 6.01 3.50
CA SER A 28 5.96 4.74 3.92
C SER A 28 4.88 3.76 4.35
N ARG A 29 5.22 2.47 4.34
CA ARG A 29 4.29 1.40 4.72
C ARG A 29 3.66 1.63 6.10
N PRO A 30 4.44 1.93 7.16
CA PRO A 30 3.91 2.13 8.52
C PRO A 30 2.74 3.12 8.55
N ALA A 31 2.86 4.20 7.79
CA ALA A 31 1.79 5.18 7.70
C ALA A 31 0.53 4.55 7.09
N LEU A 32 0.72 3.76 6.05
CA LEU A 32 -0.38 3.07 5.39
C LEU A 32 -1.07 2.09 6.34
N LYS A 33 -0.28 1.27 7.03
CA LYS A 33 -0.83 0.28 7.97
C LYS A 33 -1.60 0.98 9.08
N LYS A 34 -1.10 2.13 9.50
CA LYS A 34 -1.73 2.91 10.54
C LYS A 34 -3.09 3.41 10.07
N PHE A 35 -3.08 4.02 8.89
CA PHE A 35 -4.29 4.55 8.28
C PHE A 35 -5.37 3.48 8.20
N ILE A 36 -5.00 2.28 7.78
CA ILE A 36 -5.94 1.19 7.64
C ILE A 36 -6.51 0.77 8.98
N LYS A 37 -5.66 0.72 10.00
CA LYS A 37 -6.10 0.32 11.33
C LYS A 37 -7.02 1.37 11.96
N GLU A 38 -6.81 2.63 11.63
CA GLU A 38 -7.64 3.70 12.15
C GLU A 38 -9.04 3.65 11.53
N ASN A 39 -9.10 3.52 10.22
CA ASN A 39 -10.35 3.65 9.48
C ASN A 39 -11.02 2.30 9.25
N TYR A 40 -10.23 1.25 9.02
CA TYR A 40 -10.79 -0.07 8.73
C TYR A 40 -10.28 -1.10 9.76
N PRO A 41 -10.78 -1.03 11.01
CA PRO A 41 -10.36 -1.94 12.10
C PRO A 41 -10.57 -3.42 11.75
N ILE A 42 -11.49 -3.66 10.83
CA ILE A 42 -11.81 -5.02 10.39
C ILE A 42 -10.55 -5.75 9.96
N VAL A 43 -9.90 -5.16 8.99
CA VAL A 43 -8.67 -5.70 8.45
C VAL A 43 -7.49 -5.20 9.26
N GLY A 44 -7.61 -3.97 9.75
CA GLY A 44 -6.55 -3.37 10.52
C GLY A 44 -6.14 -4.25 11.69
N SER A 45 -7.13 -4.80 12.37
CA SER A 45 -6.88 -5.71 13.47
C SER A 45 -7.08 -7.16 13.04
N ALA A 46 -6.78 -7.45 11.79
CA ALA A 46 -6.84 -8.80 11.27
C ALA A 46 -5.56 -9.54 11.62
N SER A 47 -5.67 -10.85 11.81
CA SER A 47 -4.54 -11.66 12.19
C SER A 47 -3.46 -11.66 11.11
N ASN A 48 -2.27 -11.20 11.48
CA ASN A 48 -1.15 -11.06 10.56
C ASN A 48 -1.44 -10.03 9.48
N PHE A 49 -2.21 -9.01 9.82
CA PHE A 49 -2.51 -7.92 8.89
C PHE A 49 -1.22 -7.26 8.42
N ASP A 50 -0.34 -6.98 9.37
CA ASP A 50 0.93 -6.34 9.10
C ASP A 50 1.72 -7.14 8.06
N LEU A 51 1.76 -8.44 8.24
CA LEU A 51 2.44 -9.34 7.32
C LEU A 51 1.74 -9.35 5.96
N TYR A 52 0.43 -9.45 6.00
CA TYR A 52 -0.39 -9.47 4.79
C TYR A 52 -0.22 -8.18 4.00
N PHE A 53 -0.19 -7.06 4.72
CA PHE A 53 -0.02 -5.75 4.10
C PHE A 53 1.30 -5.67 3.34
N ASN A 54 2.38 -6.11 3.97
CA ASN A 54 3.70 -6.10 3.35
C ASN A 54 3.69 -6.93 2.07
N ASN A 55 3.04 -8.09 2.13
CA ASN A 55 2.88 -8.94 0.95
C ASN A 55 2.02 -8.25 -0.11
N ALA A 56 0.99 -7.55 0.33
CA ALA A 56 0.10 -6.83 -0.57
C ALA A 56 0.86 -5.77 -1.34
N ILE A 57 1.71 -5.02 -0.63
CA ILE A 57 2.55 -4.01 -1.26
C ILE A 57 3.48 -4.66 -2.27
N LYS A 58 4.12 -5.74 -1.86
CA LYS A 58 5.03 -6.48 -2.73
C LYS A 58 4.33 -6.93 -4.01
N LYS A 59 3.13 -7.49 -3.84
CA LYS A 59 2.35 -7.98 -4.99
C LYS A 59 1.91 -6.81 -5.87
N GLY A 60 1.50 -5.73 -5.24
CA GLY A 60 0.98 -4.60 -5.98
C GLY A 60 2.03 -3.93 -6.85
N VAL A 61 3.23 -3.76 -6.32
CA VAL A 61 4.29 -3.08 -7.06
C VAL A 61 4.74 -3.88 -8.28
N GLU A 62 4.67 -5.21 -8.19
CA GLU A 62 4.99 -6.06 -9.32
C GLU A 62 3.82 -6.17 -10.29
N ALA A 63 2.61 -6.19 -9.73
CA ALA A 63 1.40 -6.33 -10.55
C ALA A 63 1.17 -5.09 -11.39
N GLY A 64 1.55 -3.95 -10.84
CA GLY A 64 1.32 -2.69 -11.52
C GLY A 64 0.23 -1.90 -10.85
N ASP A 65 0.29 -1.81 -9.54
CA ASP A 65 -0.73 -1.10 -8.77
C ASP A 65 -0.08 -0.02 -7.92
N PHE A 66 1.14 -0.30 -7.45
CA PHE A 66 1.87 0.65 -6.63
C PHE A 66 3.34 0.74 -7.07
N GLU A 67 3.99 1.82 -6.70
CA GLU A 67 5.41 2.03 -6.94
C GLU A 67 6.10 2.36 -5.63
N GLN A 68 7.32 1.89 -5.42
CA GLN A 68 8.04 2.25 -4.21
C GLN A 68 9.18 3.19 -4.53
N PRO A 69 9.05 4.47 -4.11
CA PRO A 69 10.04 5.51 -4.39
C PRO A 69 11.36 5.29 -3.64
N LYS A 70 11.26 4.85 -2.39
CA LYS A 70 12.44 4.67 -1.55
C LYS A 70 13.06 3.29 -1.83
N GLY A 71 12.21 2.27 -1.85
CA GLY A 71 12.68 0.95 -2.15
C GLY A 71 11.89 -0.13 -1.45
N PRO A 72 12.39 -1.36 -1.42
CA PRO A 72 11.73 -2.49 -0.74
C PRO A 72 11.43 -2.20 0.71
N ALA A 73 10.19 -2.46 1.11
CA ALA A 73 9.72 -2.23 2.47
C ALA A 73 9.83 -0.75 2.85
N GLY A 74 9.81 0.11 1.84
CA GLY A 74 9.86 1.54 2.09
C GLY A 74 8.55 2.22 1.75
N ALA A 75 8.65 3.48 1.35
CA ALA A 75 7.47 4.26 0.98
C ALA A 75 6.79 3.68 -0.26
N VAL A 76 5.49 3.86 -0.36
CA VAL A 76 4.72 3.43 -1.50
C VAL A 76 4.09 4.65 -2.17
N LYS A 77 3.86 4.57 -3.47
CA LYS A 77 3.30 5.67 -4.23
C LYS A 77 2.32 5.08 -5.24
N LEU A 78 1.16 5.72 -5.40
CA LEU A 78 0.13 5.19 -6.30
C LEU A 78 0.67 5.01 -7.70
N ALA A 79 0.62 3.80 -8.20
CA ALA A 79 0.97 3.56 -9.59
C ALA A 79 -0.26 3.69 -10.47
N LYS A 80 -0.19 4.59 -11.42
CA LYS A 80 -1.27 4.79 -12.37
C LYS A 80 -1.16 3.78 -13.50
N LYS A 81 0.07 3.37 -13.76
CA LYS A 81 0.36 2.36 -14.77
C LYS A 81 -0.09 0.98 -14.30
N LYS A 82 -0.75 0.24 -15.18
CA LYS A 82 -1.24 -1.10 -14.85
C LYS A 82 -0.20 -2.16 -15.24
N SER A 83 1.07 -1.87 -14.96
CA SER A 83 2.16 -2.78 -15.27
C SER A 83 3.40 -2.41 -14.46
N PRO A 84 4.24 -3.38 -14.11
CA PRO A 84 5.47 -3.12 -13.37
C PRO A 84 6.41 -2.21 -14.15
N GLU A 85 6.83 -1.14 -13.52
CA GLU A 85 7.67 -0.15 -14.18
C GLU A 85 8.09 0.92 -13.17
N VAL A 86 8.74 0.48 -12.10
CA VAL A 86 9.25 1.40 -11.09
C VAL A 86 10.68 1.75 -11.43
N LYS A 87 10.98 3.04 -11.44
CA LYS A 87 12.29 3.50 -11.88
C LYS A 87 12.59 4.91 -11.35
N LYS A 88 12.32 5.09 -10.07
CA LYS A 88 12.63 6.35 -9.41
C LYS A 88 14.08 6.33 -8.94
N GLU A 89 14.74 7.49 -9.02
CA GLU A 89 16.17 7.59 -8.75
C GLU A 89 16.95 6.78 -9.78
N LYS A 90 17.81 5.88 -9.30
CA LYS A 90 18.57 5.02 -10.19
C LYS A 90 17.69 3.96 -10.82
N GLU A 91 16.79 3.41 -10.03
CA GLU A 91 15.89 2.36 -10.48
C GLU A 91 14.83 2.07 -9.43
N VAL A 92 15.17 2.31 -8.18
CA VAL A 92 14.24 2.13 -7.07
C VAL A 92 14.80 2.81 -5.82
N SER A 93 16.12 2.83 -5.71
CA SER A 93 16.78 3.49 -4.60
C SER A 93 17.91 4.37 -5.13
N LYS A 2 -17.45 -10.14 13.02
CA LYS A 2 -17.60 -8.72 13.42
C LYS A 2 -17.27 -7.81 12.26
N GLU A 3 -18.10 -6.78 12.06
CA GLU A 3 -17.88 -5.80 10.99
C GLU A 3 -17.79 -6.50 9.63
N GLU A 4 -18.80 -7.36 9.38
CA GLU A 4 -18.89 -8.22 8.20
C GLU A 4 -17.66 -9.12 8.07
N ALA A 5 -17.50 -9.76 6.92
CA ALA A 5 -16.36 -10.62 6.69
C ALA A 5 -15.10 -9.78 6.55
N SER A 6 -13.97 -10.31 6.99
CA SER A 6 -12.70 -9.61 6.88
C SER A 6 -12.14 -9.70 5.46
N SER A 7 -13.04 -9.66 4.48
CA SER A 7 -12.66 -9.72 3.08
C SER A 7 -12.38 -8.32 2.54
N LYS A 8 -11.75 -7.50 3.37
CA LYS A 8 -11.33 -6.18 2.95
C LYS A 8 -10.10 -6.33 2.08
N SER A 9 -10.12 -5.75 0.90
CA SER A 9 -8.97 -5.78 0.03
C SER A 9 -7.88 -4.89 0.61
N TYR A 10 -6.75 -5.50 0.97
CA TYR A 10 -5.60 -4.72 1.44
C TYR A 10 -5.14 -3.84 0.29
N ARG A 11 -5.28 -4.37 -0.91
CA ARG A 11 -5.03 -3.64 -2.14
C ARG A 11 -5.86 -2.36 -2.18
N GLU A 12 -7.15 -2.48 -1.90
CA GLU A 12 -8.07 -1.36 -1.89
C GLU A 12 -7.75 -0.42 -0.73
N LEU A 13 -7.55 -0.98 0.45
CA LEU A 13 -7.24 -0.21 1.66
C LEU A 13 -6.03 0.68 1.43
N ILE A 14 -4.98 0.11 0.90
CA ILE A 14 -3.74 0.83 0.63
C ILE A 14 -3.97 1.89 -0.43
N ILE A 15 -4.63 1.53 -1.53
CA ILE A 15 -4.89 2.48 -2.59
C ILE A 15 -5.76 3.65 -2.10
N GLU A 16 -6.86 3.32 -1.44
CA GLU A 16 -7.77 4.33 -0.91
C GLU A 16 -7.03 5.29 0.01
N GLY A 17 -6.12 4.75 0.80
CA GLY A 17 -5.33 5.57 1.67
C GLY A 17 -4.23 6.29 0.96
N LEU A 18 -3.36 5.51 0.35
CA LEU A 18 -2.13 6.01 -0.25
C LEU A 18 -2.40 7.13 -1.26
N THR A 19 -3.51 7.03 -1.98
CA THR A 19 -3.91 8.09 -2.90
C THR A 19 -4.23 9.37 -2.12
N ALA A 20 -4.70 9.19 -0.89
CA ALA A 20 -5.07 10.31 -0.03
C ALA A 20 -3.88 10.84 0.79
N LEU A 21 -3.15 9.94 1.45
CA LEU A 21 -2.14 10.36 2.42
C LEU A 21 -0.74 10.47 1.79
N LYS A 22 -0.68 10.47 0.47
CA LYS A 22 0.59 10.51 -0.25
C LYS A 22 1.39 11.79 0.08
N GLU A 23 0.67 12.85 0.45
CA GLU A 23 1.28 14.14 0.73
C GLU A 23 2.05 14.64 -0.48
N ARG A 24 3.37 14.59 -0.37
CA ARG A 24 4.26 15.03 -1.43
C ARG A 24 4.20 14.10 -2.64
N LYS A 25 4.03 12.79 -2.41
CA LYS A 25 3.96 11.82 -3.49
C LYS A 25 3.75 10.39 -2.97
N GLY A 26 4.43 10.04 -1.88
CA GLY A 26 4.32 8.70 -1.35
C GLY A 26 4.36 8.67 0.17
N SER A 27 4.01 7.53 0.76
CA SER A 27 3.91 7.41 2.20
C SER A 27 4.57 6.12 2.70
N SER A 28 5.18 6.21 3.87
CA SER A 28 5.86 5.06 4.48
C SER A 28 4.86 3.97 4.87
N ARG A 29 5.36 2.74 5.05
CA ARG A 29 4.51 1.60 5.43
C ARG A 29 3.70 1.89 6.70
N PRO A 30 4.33 2.33 7.82
CA PRO A 30 3.62 2.59 9.08
C PRO A 30 2.47 3.57 8.91
N ALA A 31 2.64 4.51 7.99
CA ALA A 31 1.60 5.48 7.69
C ALA A 31 0.36 4.78 7.12
N LEU A 32 0.59 3.85 6.21
CA LEU A 32 -0.47 3.06 5.62
C LEU A 32 -1.13 2.14 6.65
N LYS A 33 -0.30 1.44 7.41
CA LYS A 33 -0.80 0.47 8.38
C LYS A 33 -1.68 1.15 9.43
N LYS A 34 -1.29 2.34 9.86
CA LYS A 34 -2.07 3.09 10.82
C LYS A 34 -3.38 3.52 10.19
N PHE A 35 -3.26 4.10 9.01
CA PHE A 35 -4.41 4.57 8.25
C PHE A 35 -5.46 3.47 8.12
N ILE A 36 -5.02 2.27 7.81
CA ILE A 36 -5.91 1.13 7.66
C ILE A 36 -6.59 0.80 8.97
N LYS A 37 -5.84 0.79 10.06
CA LYS A 37 -6.41 0.50 11.37
C LYS A 37 -7.42 1.56 11.79
N GLU A 38 -7.18 2.80 11.40
CA GLU A 38 -8.06 3.91 11.75
C GLU A 38 -9.40 3.80 11.03
N ASN A 39 -9.35 3.46 9.75
CA ASN A 39 -10.53 3.49 8.89
C ASN A 39 -11.16 2.10 8.71
N TYR A 40 -10.32 1.08 8.68
CA TYR A 40 -10.80 -0.29 8.49
C TYR A 40 -10.23 -1.23 9.56
N PRO A 41 -10.64 -1.05 10.84
CA PRO A 41 -10.15 -1.86 11.96
C PRO A 41 -10.40 -3.36 11.77
N ILE A 42 -11.34 -3.68 10.89
CA ILE A 42 -11.65 -5.08 10.55
C ILE A 42 -10.38 -5.82 10.19
N VAL A 43 -9.71 -5.26 9.19
CA VAL A 43 -8.45 -5.77 8.71
C VAL A 43 -7.32 -5.22 9.54
N GLY A 44 -7.47 -3.97 9.97
CA GLY A 44 -6.43 -3.33 10.74
C GLY A 44 -6.00 -4.14 11.95
N SER A 45 -6.97 -4.74 12.61
CA SER A 45 -6.70 -5.58 13.76
C SER A 45 -6.79 -7.06 13.37
N ALA A 46 -6.49 -7.36 12.12
CA ALA A 46 -6.45 -8.75 11.65
C ALA A 46 -5.21 -9.44 12.17
N SER A 47 -5.34 -10.73 12.46
CA SER A 47 -4.26 -11.50 13.08
C SER A 47 -2.99 -11.50 12.24
N ASN A 48 -3.14 -11.56 10.92
CA ASN A 48 -1.99 -11.56 10.03
C ASN A 48 -1.99 -10.31 9.18
N PHE A 49 -2.49 -9.23 9.73
CA PHE A 49 -2.58 -7.95 9.02
C PHE A 49 -1.22 -7.51 8.49
N ASP A 50 -0.23 -7.55 9.37
CA ASP A 50 1.11 -7.09 9.02
C ASP A 50 1.71 -7.89 7.87
N LEU A 51 1.55 -9.20 7.93
CA LEU A 51 2.04 -10.08 6.88
C LEU A 51 1.28 -9.83 5.58
N TYR A 52 -0.03 -9.75 5.70
CA TYR A 52 -0.89 -9.51 4.54
C TYR A 52 -0.59 -8.16 3.90
N PHE A 53 -0.34 -7.16 4.73
CA PHE A 53 -0.02 -5.81 4.26
C PHE A 53 1.24 -5.82 3.40
N ASN A 54 2.29 -6.44 3.92
CA ASN A 54 3.57 -6.49 3.23
C ASN A 54 3.45 -7.23 1.90
N ASN A 55 2.66 -8.29 1.88
CA ASN A 55 2.41 -9.02 0.64
C ASN A 55 1.62 -8.18 -0.34
N ALA A 56 0.67 -7.40 0.18
CA ALA A 56 -0.15 -6.54 -0.66
C ALA A 56 0.69 -5.51 -1.39
N ILE A 57 1.64 -4.91 -0.68
CA ILE A 57 2.54 -3.93 -1.28
C ILE A 57 3.31 -4.56 -2.43
N LYS A 58 3.92 -5.71 -2.13
CA LYS A 58 4.73 -6.43 -3.11
C LYS A 58 3.93 -6.80 -4.35
N LYS A 59 2.69 -7.27 -4.15
CA LYS A 59 1.85 -7.63 -5.28
C LYS A 59 1.46 -6.37 -6.05
N GLY A 60 1.09 -5.34 -5.32
CA GLY A 60 0.66 -4.12 -5.95
C GLY A 60 1.74 -3.49 -6.80
N VAL A 61 2.95 -3.41 -6.28
CA VAL A 61 4.05 -2.77 -7.00
C VAL A 61 4.42 -3.54 -8.27
N GLU A 62 4.30 -4.86 -8.24
CA GLU A 62 4.60 -5.66 -9.42
C GLU A 62 3.46 -5.60 -10.43
N ALA A 63 2.23 -5.65 -9.93
CA ALA A 63 1.05 -5.65 -10.79
C ALA A 63 0.85 -4.31 -11.48
N GLY A 64 1.04 -3.24 -10.73
CA GLY A 64 0.80 -1.91 -11.25
C GLY A 64 -0.23 -1.16 -10.43
N ASP A 65 -0.14 -1.35 -9.12
CA ASP A 65 -1.08 -0.76 -8.18
C ASP A 65 -0.37 0.29 -7.34
N PHE A 66 0.84 -0.05 -6.92
CA PHE A 66 1.65 0.86 -6.11
C PHE A 66 3.07 0.93 -6.66
N GLU A 67 3.85 1.87 -6.15
CA GLU A 67 5.22 2.06 -6.57
C GLU A 67 6.11 2.25 -5.35
N GLN A 68 7.34 1.77 -5.40
CA GLN A 68 8.27 1.93 -4.28
C GLN A 68 9.52 2.69 -4.70
N PRO A 69 9.45 4.03 -4.70
CA PRO A 69 10.57 4.87 -5.10
C PRO A 69 11.63 5.01 -3.99
N LYS A 70 11.94 3.91 -3.32
CA LYS A 70 12.97 3.89 -2.30
C LYS A 70 13.68 2.55 -2.30
N GLY A 71 12.90 1.48 -2.31
CA GLY A 71 13.48 0.15 -2.35
C GLY A 71 12.63 -0.85 -1.61
N PRO A 72 13.25 -1.83 -0.98
CA PRO A 72 12.54 -2.84 -0.19
C PRO A 72 11.87 -2.25 1.05
N ALA A 73 10.57 -2.48 1.18
CA ALA A 73 9.79 -2.00 2.32
C ALA A 73 9.96 -0.49 2.50
N GLY A 74 10.09 0.22 1.39
CA GLY A 74 10.30 1.65 1.45
C GLY A 74 9.00 2.42 1.55
N ALA A 75 8.97 3.62 0.99
CA ALA A 75 7.76 4.41 0.92
C ALA A 75 6.93 3.99 -0.28
N VAL A 76 5.64 3.83 -0.07
CA VAL A 76 4.74 3.42 -1.13
C VAL A 76 4.13 4.65 -1.80
N LYS A 77 4.15 4.65 -3.12
CA LYS A 77 3.62 5.74 -3.91
C LYS A 77 2.47 5.20 -4.76
N LEU A 78 1.33 5.87 -4.72
CA LEU A 78 0.16 5.36 -5.39
C LEU A 78 0.28 5.49 -6.91
N ALA A 79 0.38 4.35 -7.56
CA ALA A 79 0.53 4.29 -9.00
C ALA A 79 -0.74 4.76 -9.70
N LYS A 80 -0.58 5.64 -10.67
CA LYS A 80 -1.71 6.20 -11.39
C LYS A 80 -1.32 6.46 -12.85
N LYS A 81 -1.07 5.38 -13.59
CA LYS A 81 -0.69 5.48 -14.99
C LYS A 81 -0.82 4.11 -15.67
N LYS A 82 -0.03 3.86 -16.71
CA LYS A 82 -0.11 2.60 -17.45
C LYS A 82 0.77 1.53 -16.81
N SER A 83 2.01 1.89 -16.51
CA SER A 83 2.96 0.97 -15.90
C SER A 83 4.01 1.76 -15.13
N PRO A 84 4.48 1.24 -13.99
CA PRO A 84 5.45 1.93 -13.17
C PRO A 84 6.82 1.98 -13.83
N GLU A 85 7.41 3.16 -13.84
CA GLU A 85 8.72 3.38 -14.42
C GLU A 85 9.79 3.19 -13.35
N VAL A 86 9.59 2.19 -12.52
CA VAL A 86 10.48 1.89 -11.43
C VAL A 86 10.57 0.38 -11.22
N LYS A 87 11.77 -0.09 -10.92
CA LYS A 87 12.01 -1.52 -10.74
C LYS A 87 13.35 -1.72 -10.08
N LYS A 88 14.39 -1.22 -10.74
CA LYS A 88 15.73 -1.24 -10.18
C LYS A 88 16.17 0.19 -9.87
N GLU A 89 16.65 0.41 -8.65
CA GLU A 89 17.04 1.73 -8.21
C GLU A 89 15.86 2.69 -8.29
N LYS A 90 16.08 3.83 -8.97
CA LYS A 90 15.03 4.82 -9.20
C LYS A 90 14.43 5.31 -7.90
N GLU A 91 15.27 5.56 -6.91
CA GLU A 91 14.83 6.09 -5.65
C GLU A 91 14.49 7.57 -5.80
N VAL A 92 13.33 7.96 -5.29
CA VAL A 92 12.88 9.33 -5.37
C VAL A 92 13.80 10.25 -4.57
N SER A 93 14.15 11.37 -5.17
CA SER A 93 15.06 12.32 -4.54
C SER A 93 14.68 13.74 -4.93
N LYS A 2 -21.86 -9.10 13.04
CA LYS A 2 -23.18 -9.51 12.52
C LYS A 2 -23.06 -10.24 11.18
N GLU A 3 -22.18 -9.75 10.32
CA GLU A 3 -21.95 -10.36 9.02
C GLU A 3 -20.67 -9.81 8.41
N GLU A 4 -19.81 -10.71 7.93
CA GLU A 4 -18.51 -10.35 7.37
C GLU A 4 -17.60 -9.72 8.43
N ALA A 5 -16.59 -10.48 8.85
CA ALA A 5 -15.62 -9.98 9.80
C ALA A 5 -14.23 -10.01 9.19
N SER A 6 -14.20 -9.95 7.87
CA SER A 6 -12.96 -9.92 7.09
C SER A 6 -13.29 -9.54 5.65
N SER A 7 -12.61 -10.17 4.69
CA SER A 7 -12.88 -9.98 3.27
C SER A 7 -12.74 -8.52 2.85
N LYS A 8 -11.79 -7.82 3.46
CA LYS A 8 -11.48 -6.46 3.03
C LYS A 8 -10.33 -6.50 2.03
N SER A 9 -10.50 -5.87 0.88
CA SER A 9 -9.46 -5.88 -0.13
C SER A 9 -8.33 -4.94 0.27
N TYR A 10 -7.16 -5.49 0.54
CA TYR A 10 -6.01 -4.67 0.91
C TYR A 10 -5.66 -3.73 -0.24
N ARG A 11 -5.88 -4.20 -1.46
CA ARG A 11 -5.68 -3.40 -2.65
C ARG A 11 -6.49 -2.11 -2.58
N GLU A 12 -7.77 -2.21 -2.20
CA GLU A 12 -8.61 -1.03 -2.10
C GLU A 12 -8.21 -0.17 -0.90
N LEU A 13 -7.90 -0.84 0.21
CA LEU A 13 -7.55 -0.17 1.46
C LEU A 13 -6.33 0.72 1.29
N ILE A 14 -5.27 0.13 0.76
CA ILE A 14 -4.02 0.85 0.59
C ILE A 14 -4.17 1.97 -0.41
N ILE A 15 -4.89 1.72 -1.50
CA ILE A 15 -5.13 2.76 -2.49
C ILE A 15 -5.96 3.90 -1.91
N GLU A 16 -7.03 3.54 -1.19
CA GLU A 16 -7.90 4.51 -0.55
C GLU A 16 -7.08 5.38 0.40
N GLY A 17 -6.12 4.76 1.05
CA GLY A 17 -5.24 5.49 1.93
C GLY A 17 -4.20 6.27 1.18
N LEU A 18 -3.40 5.55 0.42
CA LEU A 18 -2.23 6.10 -0.23
C LEU A 18 -2.56 7.32 -1.09
N THR A 19 -3.76 7.37 -1.63
CA THR A 19 -4.21 8.54 -2.37
C THR A 19 -4.36 9.74 -1.43
N ALA A 20 -4.74 9.46 -0.19
CA ALA A 20 -4.96 10.50 0.79
C ALA A 20 -3.66 10.89 1.51
N LEU A 21 -2.87 9.90 1.90
CA LEU A 21 -1.68 10.19 2.71
C LEU A 21 -0.38 9.99 1.92
N LYS A 22 -0.42 10.30 0.62
CA LYS A 22 0.79 10.23 -0.20
C LYS A 22 1.88 11.16 0.33
N GLU A 23 1.44 12.19 1.07
CA GLU A 23 2.33 13.19 1.69
C GLU A 23 3.00 14.10 0.67
N ARG A 24 3.60 13.50 -0.34
CA ARG A 24 4.24 14.25 -1.40
C ARG A 24 4.46 13.37 -2.63
N LYS A 25 4.81 12.11 -2.39
CA LYS A 25 5.05 11.15 -3.46
C LYS A 25 5.44 9.78 -2.90
N GLY A 26 4.86 9.44 -1.76
CA GLY A 26 5.15 8.17 -1.15
C GLY A 26 4.93 8.21 0.34
N SER A 27 4.27 7.19 0.87
CA SER A 27 4.01 7.12 2.30
C SER A 27 4.68 5.88 2.87
N SER A 28 5.02 5.97 4.15
CA SER A 28 5.61 4.85 4.86
C SER A 28 4.61 3.72 4.99
N ARG A 29 5.09 2.48 4.87
CA ARG A 29 4.22 1.31 5.01
C ARG A 29 3.41 1.35 6.32
N PRO A 30 4.06 1.58 7.50
CA PRO A 30 3.35 1.67 8.77
C PRO A 30 2.26 2.76 8.77
N ALA A 31 2.48 3.82 7.99
CA ALA A 31 1.50 4.89 7.86
C ALA A 31 0.24 4.39 7.19
N LEU A 32 0.42 3.62 6.12
CA LEU A 32 -0.70 3.00 5.42
C LEU A 32 -1.41 2.01 6.33
N LYS A 33 -0.63 1.23 7.07
CA LYS A 33 -1.18 0.27 8.02
C LYS A 33 -2.08 0.98 9.03
N LYS A 34 -1.61 2.12 9.50
CA LYS A 34 -2.34 2.90 10.49
C LYS A 34 -3.63 3.41 9.89
N PHE A 35 -3.51 4.01 8.72
CA PHE A 35 -4.66 4.53 8.01
C PHE A 35 -5.75 3.47 7.88
N ILE A 36 -5.33 2.27 7.50
CA ILE A 36 -6.26 1.17 7.33
C ILE A 36 -6.90 0.78 8.66
N LYS A 37 -6.08 0.73 9.71
CA LYS A 37 -6.57 0.40 11.04
C LYS A 37 -7.59 1.43 11.54
N GLU A 38 -7.30 2.70 11.30
CA GLU A 38 -8.16 3.78 11.80
C GLU A 38 -9.54 3.74 11.15
N ASN A 39 -9.58 3.39 9.88
CA ASN A 39 -10.83 3.39 9.13
C ASN A 39 -11.49 2.01 9.10
N TYR A 40 -10.69 0.98 8.90
CA TYR A 40 -11.19 -0.39 8.83
C TYR A 40 -10.54 -1.25 9.92
N PRO A 41 -11.03 -1.16 11.17
CA PRO A 41 -10.49 -1.95 12.29
C PRO A 41 -10.61 -3.45 12.05
N ILE A 42 -11.54 -3.82 11.17
CA ILE A 42 -11.76 -5.21 10.78
C ILE A 42 -10.45 -5.86 10.39
N VAL A 43 -9.86 -5.30 9.36
CA VAL A 43 -8.60 -5.76 8.82
C VAL A 43 -7.45 -5.22 9.66
N GLY A 44 -7.65 -4.04 10.22
CA GLY A 44 -6.61 -3.40 10.99
C GLY A 44 -6.11 -4.26 12.13
N SER A 45 -7.03 -4.85 12.87
CA SER A 45 -6.68 -5.73 13.96
C SER A 45 -6.83 -7.19 13.55
N ALA A 46 -6.58 -7.48 12.27
CA ALA A 46 -6.75 -8.84 11.75
C ALA A 46 -5.57 -9.75 12.09
N SER A 47 -4.97 -9.52 13.26
CA SER A 47 -3.89 -10.36 13.80
C SER A 47 -2.63 -10.32 12.92
N ASN A 48 -2.69 -10.96 11.77
CA ASN A 48 -1.57 -10.98 10.83
C ASN A 48 -1.81 -10.00 9.69
N PHE A 49 -2.38 -8.86 10.06
CA PHE A 49 -2.64 -7.78 9.12
C PHE A 49 -1.35 -7.27 8.51
N ASP A 50 -0.34 -7.09 9.34
CA ASP A 50 0.96 -6.57 8.90
C ASP A 50 1.56 -7.47 7.82
N LEU A 51 1.51 -8.78 8.05
CA LEU A 51 2.03 -9.75 7.09
C LEU A 51 1.28 -9.65 5.78
N TYR A 52 -0.04 -9.62 5.87
CA TYR A 52 -0.89 -9.50 4.70
C TYR A 52 -0.63 -8.19 3.95
N PHE A 53 -0.47 -7.12 4.72
CA PHE A 53 -0.22 -5.80 4.16
C PHE A 53 1.08 -5.78 3.36
N ASN A 54 2.15 -6.28 3.95
CA ASN A 54 3.46 -6.27 3.32
C ASN A 54 3.44 -7.00 1.99
N ASN A 55 2.78 -8.15 1.98
CA ASN A 55 2.63 -8.92 0.74
C ASN A 55 1.79 -8.17 -0.27
N ALA A 56 0.71 -7.55 0.19
CA ALA A 56 -0.18 -6.76 -0.66
C ALA A 56 0.60 -5.62 -1.32
N ILE A 57 1.45 -4.97 -0.53
CA ILE A 57 2.31 -3.90 -1.04
C ILE A 57 3.23 -4.43 -2.13
N LYS A 58 3.96 -5.49 -1.80
CA LYS A 58 4.93 -6.08 -2.72
C LYS A 58 4.27 -6.52 -4.02
N LYS A 59 3.14 -7.20 -3.91
CA LYS A 59 2.47 -7.75 -5.07
C LYS A 59 1.95 -6.64 -5.98
N GLY A 60 1.32 -5.65 -5.39
CA GLY A 60 0.80 -4.53 -6.17
C GLY A 60 1.91 -3.66 -6.70
N VAL A 61 2.98 -3.53 -5.92
CA VAL A 61 4.11 -2.70 -6.26
C VAL A 61 4.80 -3.22 -7.52
N GLU A 62 4.80 -4.53 -7.66
CA GLU A 62 5.49 -5.18 -8.74
C GLU A 62 4.60 -5.26 -9.97
N ALA A 63 3.30 -5.48 -9.73
CA ALA A 63 2.32 -5.64 -10.78
C ALA A 63 2.04 -4.30 -11.47
N GLY A 64 1.98 -3.25 -10.69
CA GLY A 64 1.72 -1.93 -11.25
C GLY A 64 0.46 -1.31 -10.68
N ASP A 65 0.22 -1.53 -9.40
CA ASP A 65 -0.92 -0.92 -8.73
C ASP A 65 -0.40 0.06 -7.68
N PHE A 66 0.73 -0.31 -7.09
CA PHE A 66 1.44 0.60 -6.20
C PHE A 66 2.89 0.70 -6.66
N GLU A 67 3.60 1.72 -6.24
CA GLU A 67 4.99 1.89 -6.66
C GLU A 67 5.82 2.49 -5.52
N GLN A 68 6.95 1.86 -5.22
CA GLN A 68 7.87 2.39 -4.22
C GLN A 68 9.00 3.12 -4.93
N PRO A 69 8.96 4.47 -4.92
CA PRO A 69 9.92 5.31 -5.65
C PRO A 69 11.36 5.11 -5.21
N LYS A 70 11.55 4.81 -3.93
CA LYS A 70 12.89 4.64 -3.38
C LYS A 70 13.41 3.24 -3.64
N GLY A 71 12.59 2.25 -3.35
CA GLY A 71 12.99 0.87 -3.51
C GLY A 71 12.21 -0.03 -2.59
N PRO A 72 12.41 -1.34 -2.68
CA PRO A 72 11.72 -2.30 -1.82
C PRO A 72 11.93 -2.00 -0.34
N ALA A 73 10.84 -2.10 0.42
CA ALA A 73 10.85 -1.83 1.85
C ALA A 73 11.13 -0.36 2.15
N GLY A 74 10.56 0.51 1.33
CA GLY A 74 10.66 1.93 1.57
C GLY A 74 9.31 2.59 1.60
N ALA A 75 9.22 3.80 1.07
CA ALA A 75 7.94 4.49 0.97
C ALA A 75 7.27 4.14 -0.35
N VAL A 76 5.97 3.86 -0.30
CA VAL A 76 5.22 3.52 -1.49
C VAL A 76 4.18 4.60 -1.80
N LYS A 77 4.02 4.89 -3.08
CA LYS A 77 3.03 5.84 -3.55
C LYS A 77 2.13 5.12 -4.54
N LEU A 78 0.89 5.57 -4.67
CA LEU A 78 0.01 4.98 -5.66
C LEU A 78 0.61 5.09 -7.05
N ALA A 79 0.62 3.97 -7.74
CA ALA A 79 1.19 3.90 -9.07
C ALA A 79 0.28 4.58 -10.07
N LYS A 80 0.86 4.93 -11.19
CA LYS A 80 0.15 5.61 -12.28
C LYS A 80 -0.87 4.68 -12.91
N LYS A 81 -2.02 4.56 -12.25
CA LYS A 81 -3.07 3.65 -12.68
C LYS A 81 -2.57 2.20 -12.64
N LYS A 82 -2.48 1.57 -13.81
CA LYS A 82 -2.05 0.20 -13.90
C LYS A 82 -0.62 0.10 -14.40
N SER A 83 0.24 0.97 -13.88
CA SER A 83 1.64 0.96 -14.26
C SER A 83 2.49 1.80 -13.32
N PRO A 84 3.59 1.24 -12.83
CA PRO A 84 4.52 1.92 -11.94
C PRO A 84 5.42 2.90 -12.70
N GLU A 85 5.61 4.08 -12.13
CA GLU A 85 6.55 5.04 -12.66
C GLU A 85 7.87 4.97 -11.89
N VAL A 86 8.33 3.75 -11.63
CA VAL A 86 9.56 3.55 -10.87
C VAL A 86 10.33 2.35 -11.41
N LYS A 87 11.55 2.62 -11.91
CA LYS A 87 12.51 1.59 -12.33
C LYS A 87 12.05 0.73 -13.52
N LYS A 88 10.85 0.18 -13.44
CA LYS A 88 10.39 -0.77 -14.44
C LYS A 88 10.38 -0.19 -15.84
N GLU A 89 11.06 -0.88 -16.76
CA GLU A 89 11.14 -0.50 -18.17
C GLU A 89 11.70 0.91 -18.35
N LYS A 90 11.28 1.57 -19.42
CA LYS A 90 11.77 2.91 -19.74
C LYS A 90 10.99 3.97 -18.97
N GLU A 91 10.95 5.19 -19.50
CA GLU A 91 10.21 6.29 -18.88
C GLU A 91 10.73 6.59 -17.48
N VAL A 92 9.82 6.75 -16.52
CA VAL A 92 10.16 7.11 -15.15
C VAL A 92 10.88 8.46 -15.12
N SER A 93 10.24 9.45 -15.71
CA SER A 93 10.82 10.79 -15.82
C SER A 93 9.74 11.79 -16.23
N LYS A 2 -19.13 -14.26 10.87
CA LYS A 2 -20.10 -15.17 10.19
C LYS A 2 -20.48 -14.62 8.83
N GLU A 3 -20.86 -13.35 8.79
CA GLU A 3 -21.24 -12.70 7.54
C GLU A 3 -20.01 -12.45 6.68
N GLU A 4 -19.01 -11.83 7.28
CA GLU A 4 -17.72 -11.63 6.63
C GLU A 4 -16.72 -11.06 7.61
N ALA A 5 -15.55 -11.69 7.67
CA ALA A 5 -14.49 -11.26 8.55
C ALA A 5 -13.54 -10.30 7.83
N SER A 6 -12.24 -10.51 7.96
CA SER A 6 -11.23 -9.64 7.35
C SER A 6 -11.03 -9.96 5.87
N SER A 7 -12.12 -10.21 5.15
CA SER A 7 -12.05 -10.46 3.72
C SER A 7 -12.05 -9.13 2.96
N LYS A 8 -11.28 -8.17 3.47
CA LYS A 8 -11.14 -6.88 2.83
C LYS A 8 -9.95 -6.91 1.88
N SER A 9 -10.13 -6.44 0.66
CA SER A 9 -9.04 -6.37 -0.29
C SER A 9 -8.09 -5.23 0.11
N TYR A 10 -6.81 -5.54 0.20
CA TYR A 10 -5.81 -4.56 0.59
C TYR A 10 -5.61 -3.53 -0.50
N ARG A 11 -6.02 -3.87 -1.72
CA ARG A 11 -5.98 -2.94 -2.83
C ARG A 11 -6.82 -1.70 -2.51
N GLU A 12 -8.01 -1.93 -1.98
CA GLU A 12 -8.89 -0.83 -1.60
C GLU A 12 -8.31 -0.08 -0.42
N LEU A 13 -7.95 -0.83 0.61
CA LEU A 13 -7.47 -0.28 1.87
C LEU A 13 -6.25 0.61 1.68
N ILE A 14 -5.21 0.07 1.06
CA ILE A 14 -3.97 0.78 0.88
C ILE A 14 -4.16 1.99 -0.02
N ILE A 15 -4.70 1.77 -1.21
CA ILE A 15 -4.87 2.84 -2.19
C ILE A 15 -5.73 3.98 -1.65
N GLU A 16 -6.81 3.63 -0.95
CA GLU A 16 -7.71 4.63 -0.37
C GLU A 16 -6.92 5.63 0.46
N GLY A 17 -5.97 5.12 1.23
CA GLY A 17 -5.10 5.98 1.99
C GLY A 17 -3.96 6.49 1.15
N LEU A 18 -3.26 5.57 0.54
CA LEU A 18 -2.02 5.85 -0.19
C LEU A 18 -2.19 7.03 -1.14
N THR A 19 -3.35 7.14 -1.75
CA THR A 19 -3.64 8.23 -2.66
C THR A 19 -3.83 9.54 -1.89
N ALA A 20 -4.36 9.44 -0.67
CA ALA A 20 -4.66 10.60 0.16
C ALA A 20 -3.48 11.03 1.02
N LEU A 21 -2.77 10.08 1.62
CA LEU A 21 -1.78 10.41 2.63
C LEU A 21 -0.37 10.46 2.04
N LYS A 22 -0.28 10.44 0.71
CA LYS A 22 1.01 10.52 0.04
C LYS A 22 1.71 11.83 0.35
N GLU A 23 0.90 12.85 0.64
CA GLU A 23 1.41 14.19 0.94
C GLU A 23 2.24 14.74 -0.22
N ARG A 24 3.53 14.87 0.02
CA ARG A 24 4.45 15.42 -0.98
C ARG A 24 4.52 14.54 -2.23
N LYS A 25 4.45 13.22 -2.03
CA LYS A 25 4.55 12.28 -3.15
C LYS A 25 4.34 10.84 -2.69
N GLY A 26 4.86 10.49 -1.52
CA GLY A 26 4.72 9.13 -1.02
C GLY A 26 4.80 9.09 0.49
N SER A 27 4.05 8.18 1.08
CA SER A 27 3.96 8.09 2.53
C SER A 27 4.93 7.04 3.07
N SER A 28 4.39 6.00 3.70
CA SER A 28 5.22 4.98 4.35
C SER A 28 4.36 3.77 4.69
N ARG A 29 4.98 2.60 4.75
CA ARG A 29 4.27 1.35 5.07
C ARG A 29 3.50 1.45 6.40
N PRO A 30 4.16 1.84 7.52
CA PRO A 30 3.47 1.97 8.81
C PRO A 30 2.35 3.00 8.75
N ALA A 31 2.55 4.06 7.96
CA ALA A 31 1.55 5.10 7.77
C ALA A 31 0.31 4.53 7.08
N LEU A 32 0.54 3.71 6.05
CA LEU A 32 -0.55 3.06 5.35
C LEU A 32 -1.34 2.15 6.28
N LYS A 33 -0.61 1.37 7.07
CA LYS A 33 -1.22 0.49 8.05
C LYS A 33 -2.06 1.28 9.06
N LYS A 34 -1.60 2.47 9.38
CA LYS A 34 -2.30 3.34 10.32
C LYS A 34 -3.64 3.73 9.75
N PHE A 35 -3.60 4.26 8.55
CA PHE A 35 -4.80 4.65 7.82
C PHE A 35 -5.78 3.49 7.71
N ILE A 36 -5.25 2.30 7.41
CA ILE A 36 -6.07 1.12 7.24
C ILE A 36 -6.80 0.77 8.52
N LYS A 37 -6.08 0.77 9.64
CA LYS A 37 -6.67 0.43 10.92
C LYS A 37 -7.70 1.46 11.35
N GLU A 38 -7.46 2.72 11.00
CA GLU A 38 -8.38 3.80 11.34
C GLU A 38 -9.72 3.64 10.61
N ASN A 39 -9.64 3.28 9.33
CA ASN A 39 -10.83 3.21 8.48
C ASN A 39 -11.43 1.81 8.42
N TYR A 40 -10.58 0.80 8.26
CA TYR A 40 -11.03 -0.58 8.17
C TYR A 40 -10.41 -1.42 9.30
N PRO A 41 -10.85 -1.22 10.56
CA PRO A 41 -10.30 -1.93 11.72
C PRO A 41 -10.59 -3.42 11.70
N ILE A 42 -11.46 -3.84 10.78
CA ILE A 42 -11.74 -5.26 10.57
C ILE A 42 -10.44 -5.99 10.28
N VAL A 43 -9.80 -5.53 9.23
CA VAL A 43 -8.49 -5.98 8.83
C VAL A 43 -7.44 -5.33 9.72
N GLY A 44 -7.72 -4.11 10.17
CA GLY A 44 -6.76 -3.41 10.98
C GLY A 44 -6.36 -4.20 12.21
N SER A 45 -7.34 -4.81 12.85
CA SER A 45 -7.10 -5.64 14.01
C SER A 45 -6.91 -7.11 13.62
N ALA A 46 -6.42 -7.34 12.40
CA ALA A 46 -6.11 -8.69 11.97
C ALA A 46 -4.76 -9.10 12.54
N SER A 47 -4.69 -10.28 13.12
CA SER A 47 -3.48 -10.75 13.76
C SER A 47 -2.34 -10.85 12.76
N ASN A 48 -2.65 -11.32 11.57
CA ASN A 48 -1.66 -11.42 10.49
C ASN A 48 -1.81 -10.29 9.48
N PHE A 49 -2.36 -9.16 9.94
CA PHE A 49 -2.51 -7.98 9.09
C PHE A 49 -1.15 -7.53 8.56
N ASP A 50 -0.17 -7.48 9.45
CA ASP A 50 1.18 -7.05 9.09
C ASP A 50 1.75 -7.90 7.97
N LEU A 51 1.61 -9.21 8.11
CA LEU A 51 2.11 -10.15 7.12
C LEU A 51 1.39 -9.94 5.79
N TYR A 52 0.08 -9.85 5.87
CA TYR A 52 -0.73 -9.64 4.69
C TYR A 52 -0.39 -8.33 4.00
N PHE A 53 -0.22 -7.29 4.79
CA PHE A 53 0.08 -5.95 4.27
C PHE A 53 1.37 -5.94 3.48
N ASN A 54 2.43 -6.48 4.07
CA ASN A 54 3.74 -6.50 3.43
C ASN A 54 3.71 -7.32 2.14
N ASN A 55 2.94 -8.40 2.12
CA ASN A 55 2.75 -9.18 0.90
C ASN A 55 2.00 -8.37 -0.14
N ALA A 56 0.97 -7.66 0.31
CA ALA A 56 0.14 -6.83 -0.56
C ALA A 56 0.98 -5.75 -1.24
N ILE A 57 1.87 -5.14 -0.47
CA ILE A 57 2.76 -4.11 -1.01
C ILE A 57 3.62 -4.66 -2.13
N LYS A 58 4.23 -5.81 -1.88
CA LYS A 58 5.09 -6.46 -2.86
C LYS A 58 4.31 -6.84 -4.11
N LYS A 59 3.12 -7.38 -3.92
CA LYS A 59 2.27 -7.76 -5.05
C LYS A 59 1.78 -6.52 -5.80
N GLY A 60 1.47 -5.48 -5.05
CA GLY A 60 0.94 -4.27 -5.64
C GLY A 60 1.90 -3.59 -6.58
N VAL A 61 3.16 -3.49 -6.19
CA VAL A 61 4.15 -2.79 -7.00
C VAL A 61 4.37 -3.51 -8.34
N GLU A 62 4.35 -4.85 -8.31
CA GLU A 62 4.49 -5.63 -9.54
C GLU A 62 3.20 -5.63 -10.37
N ALA A 63 2.07 -5.75 -9.69
CA ALA A 63 0.78 -5.83 -10.38
C ALA A 63 0.44 -4.50 -11.07
N GLY A 64 0.95 -3.41 -10.50
CA GLY A 64 0.64 -2.10 -11.03
C GLY A 64 -0.40 -1.40 -10.18
N ASP A 65 -0.26 -1.56 -8.87
CA ASP A 65 -1.18 -0.96 -7.92
C ASP A 65 -0.43 0.09 -7.12
N PHE A 66 0.78 -0.25 -6.71
CA PHE A 66 1.61 0.66 -5.91
C PHE A 66 3.00 0.81 -6.52
N GLU A 67 3.72 1.81 -6.07
CA GLU A 67 5.07 2.08 -6.53
C GLU A 67 5.93 2.54 -5.35
N GLN A 68 7.19 2.12 -5.35
CA GLN A 68 8.10 2.47 -4.28
C GLN A 68 9.24 3.32 -4.81
N PRO A 69 9.35 4.58 -4.32
CA PRO A 69 10.37 5.53 -4.79
C PRO A 69 11.79 5.05 -4.49
N LYS A 70 12.00 4.51 -3.30
CA LYS A 70 13.32 4.07 -2.90
C LYS A 70 13.62 2.67 -3.43
N GLY A 71 12.80 1.72 -3.02
CA GLY A 71 12.97 0.35 -3.45
C GLY A 71 12.18 -0.60 -2.57
N PRO A 72 12.61 -1.85 -2.45
CA PRO A 72 11.94 -2.85 -1.62
C PRO A 72 11.81 -2.43 -0.17
N ALA A 73 10.62 -2.61 0.38
CA ALA A 73 10.31 -2.32 1.77
C ALA A 73 10.53 -0.85 2.13
N GLY A 74 10.37 0.02 1.13
CA GLY A 74 10.49 1.45 1.39
C GLY A 74 9.14 2.13 1.41
N ALA A 75 9.14 3.44 1.19
CA ALA A 75 7.91 4.21 1.10
C ALA A 75 7.09 3.77 -0.09
N VAL A 76 5.78 3.85 0.02
CA VAL A 76 4.90 3.48 -1.07
C VAL A 76 4.09 4.68 -1.53
N LYS A 77 3.70 4.67 -2.79
CA LYS A 77 2.83 5.66 -3.36
C LYS A 77 2.16 5.06 -4.58
N LEU A 78 0.98 5.56 -4.92
CA LEU A 78 0.18 4.93 -5.95
C LEU A 78 0.96 4.75 -7.24
N ALA A 79 0.84 3.56 -7.82
CA ALA A 79 1.44 3.29 -9.12
C ALA A 79 0.76 4.10 -10.19
N LYS A 80 1.55 4.58 -11.14
CA LYS A 80 1.04 5.43 -12.21
C LYS A 80 -0.03 4.69 -13.03
N LYS A 81 0.18 3.39 -13.21
CA LYS A 81 -0.72 2.58 -14.01
C LYS A 81 -0.46 1.11 -13.74
N LYS A 82 -1.42 0.24 -14.05
CA LYS A 82 -1.21 -1.19 -13.88
C LYS A 82 -0.10 -1.66 -14.81
N SER A 83 -0.20 -1.27 -16.09
CA SER A 83 0.85 -1.51 -17.08
C SER A 83 1.13 -3.00 -17.29
N PRO A 84 1.67 -3.38 -18.46
CA PRO A 84 2.00 -4.77 -18.77
C PRO A 84 3.06 -5.33 -17.83
N GLU A 85 3.28 -6.63 -17.89
CA GLU A 85 4.28 -7.27 -17.04
C GLU A 85 5.67 -6.70 -17.30
N VAL A 86 6.23 -6.07 -16.27
CA VAL A 86 7.52 -5.43 -16.37
C VAL A 86 8.62 -6.33 -15.81
N LYS A 87 9.71 -6.46 -16.59
CA LYS A 87 10.90 -7.19 -16.16
C LYS A 87 10.56 -8.55 -15.54
N LYS A 88 11.20 -8.88 -14.42
CA LYS A 88 10.98 -10.16 -13.77
C LYS A 88 11.13 -10.02 -12.26
N GLU A 89 12.24 -9.46 -11.82
CA GLU A 89 12.46 -9.19 -10.41
C GLU A 89 11.71 -7.93 -9.99
N LYS A 90 10.99 -8.03 -8.89
CA LYS A 90 10.17 -6.93 -8.41
C LYS A 90 10.99 -5.88 -7.68
N GLU A 91 11.98 -5.35 -8.36
CA GLU A 91 12.79 -4.24 -7.85
C GLU A 91 12.01 -2.95 -8.03
N VAL A 92 10.84 -2.88 -7.37
CA VAL A 92 9.81 -1.88 -7.63
C VAL A 92 9.03 -2.27 -8.89
N SER A 93 9.76 -2.66 -9.91
CA SER A 93 9.19 -3.21 -11.13
C SER A 93 10.30 -3.90 -11.92
N LYS A 2 -16.25 -18.43 6.48
CA LYS A 2 -15.76 -17.38 5.56
C LYS A 2 -15.92 -15.99 6.18
N GLU A 3 -15.64 -15.90 7.49
CA GLU A 3 -15.72 -14.61 8.19
C GLU A 3 -14.76 -13.61 7.56
N GLU A 4 -15.25 -12.39 7.36
CA GLU A 4 -14.45 -11.33 6.76
C GLU A 4 -13.52 -10.71 7.80
N ALA A 5 -12.73 -11.56 8.46
CA ALA A 5 -11.83 -11.10 9.51
C ALA A 5 -10.68 -10.27 8.95
N SER A 6 -10.09 -10.76 7.87
CA SER A 6 -9.01 -10.07 7.21
C SER A 6 -9.23 -10.13 5.70
N SER A 7 -10.48 -10.31 5.32
CA SER A 7 -10.86 -10.41 3.91
C SER A 7 -11.26 -9.05 3.35
N LYS A 8 -10.59 -8.00 3.84
CA LYS A 8 -10.76 -6.68 3.25
C LYS A 8 -9.73 -6.51 2.15
N SER A 9 -10.13 -5.87 1.05
CA SER A 9 -9.23 -5.65 -0.06
C SER A 9 -8.13 -4.68 0.33
N TYR A 10 -6.93 -5.20 0.52
CA TYR A 10 -5.79 -4.38 0.91
C TYR A 10 -5.48 -3.35 -0.14
N ARG A 11 -5.64 -3.71 -1.40
CA ARG A 11 -5.47 -2.79 -2.51
C ARG A 11 -6.34 -1.55 -2.33
N GLU A 12 -7.60 -1.77 -1.93
CA GLU A 12 -8.53 -0.71 -1.66
C GLU A 12 -8.05 0.12 -0.46
N LEU A 13 -7.73 -0.58 0.63
CA LEU A 13 -7.25 0.06 1.85
C LEU A 13 -6.02 0.95 1.56
N ILE A 14 -5.05 0.38 0.86
CA ILE A 14 -3.82 1.09 0.53
C ILE A 14 -4.09 2.24 -0.41
N ILE A 15 -4.79 1.97 -1.49
CA ILE A 15 -5.07 3.00 -2.48
C ILE A 15 -5.89 4.14 -1.88
N GLU A 16 -6.93 3.79 -1.15
CA GLU A 16 -7.77 4.78 -0.48
C GLU A 16 -6.92 5.68 0.40
N GLY A 17 -5.98 5.09 1.12
CA GLY A 17 -5.07 5.86 1.91
C GLY A 17 -4.06 6.59 1.08
N LEU A 18 -3.32 5.83 0.29
CA LEU A 18 -2.18 6.36 -0.43
C LEU A 18 -2.57 7.51 -1.35
N THR A 19 -3.80 7.51 -1.86
CA THR A 19 -4.27 8.61 -2.67
C THR A 19 -4.63 9.81 -1.78
N ALA A 20 -5.10 9.52 -0.57
CA ALA A 20 -5.58 10.54 0.35
C ALA A 20 -4.46 11.14 1.20
N LEU A 21 -3.66 10.29 1.83
CA LEU A 21 -2.63 10.79 2.71
C LEU A 21 -1.44 11.31 1.89
N LYS A 22 -0.93 10.44 1.00
CA LYS A 22 0.14 10.67 0.00
C LYS A 22 1.35 11.53 0.46
N GLU A 23 1.11 12.62 1.17
CA GLU A 23 2.15 13.55 1.57
C GLU A 23 2.77 14.19 0.33
N ARG A 24 3.97 13.78 -0.02
CA ARG A 24 4.60 14.28 -1.24
C ARG A 24 4.02 13.58 -2.47
N LYS A 25 3.60 12.33 -2.28
CA LYS A 25 2.97 11.51 -3.32
C LYS A 25 2.90 10.06 -2.84
N GLY A 26 3.85 9.69 -1.99
CA GLY A 26 3.88 8.37 -1.42
C GLY A 26 4.32 8.40 0.01
N SER A 27 3.86 7.44 0.79
CA SER A 27 4.18 7.39 2.20
C SER A 27 4.59 5.98 2.59
N SER A 28 5.36 5.87 3.66
CA SER A 28 5.88 4.59 4.12
C SER A 28 4.76 3.63 4.51
N ARG A 29 5.06 2.33 4.49
CA ARG A 29 4.10 1.29 4.84
C ARG A 29 3.37 1.58 6.16
N PRO A 30 4.11 1.87 7.27
CA PRO A 30 3.52 2.14 8.58
C PRO A 30 2.41 3.19 8.52
N ALA A 31 2.59 4.21 7.69
CA ALA A 31 1.60 5.26 7.54
C ALA A 31 0.30 4.71 6.94
N LEU A 32 0.43 3.88 5.92
CA LEU A 32 -0.72 3.23 5.31
C LEU A 32 -1.36 2.25 6.27
N LYS A 33 -0.52 1.48 6.95
CA LYS A 33 -0.99 0.50 7.93
C LYS A 33 -1.76 1.19 9.05
N LYS A 34 -1.33 2.41 9.40
CA LYS A 34 -2.01 3.21 10.40
C LYS A 34 -3.35 3.67 9.89
N PHE A 35 -3.34 4.24 8.69
CA PHE A 35 -4.55 4.70 8.02
C PHE A 35 -5.59 3.60 7.99
N ILE A 36 -5.15 2.40 7.66
CA ILE A 36 -6.02 1.24 7.56
C ILE A 36 -6.65 0.93 8.91
N LYS A 37 -5.85 0.92 9.97
CA LYS A 37 -6.33 0.62 11.31
C LYS A 37 -7.40 1.63 11.76
N GLU A 38 -7.20 2.88 11.40
CA GLU A 38 -8.12 3.94 11.80
C GLU A 38 -9.48 3.77 11.11
N ASN A 39 -9.46 3.44 9.83
CA ASN A 39 -10.68 3.38 9.03
C ASN A 39 -11.27 1.98 8.98
N TYR A 40 -10.41 0.98 8.85
CA TYR A 40 -10.84 -0.41 8.76
C TYR A 40 -10.18 -1.25 9.85
N PRO A 41 -10.65 -1.15 11.11
CA PRO A 41 -10.08 -1.92 12.23
C PRO A 41 -10.19 -3.42 12.01
N ILE A 42 -11.07 -3.82 11.10
CA ILE A 42 -11.25 -5.22 10.74
C ILE A 42 -9.92 -5.85 10.37
N VAL A 43 -9.39 -5.39 9.27
CA VAL A 43 -8.09 -5.79 8.79
C VAL A 43 -7.00 -5.14 9.65
N GLY A 44 -7.25 -3.92 10.07
CA GLY A 44 -6.27 -3.18 10.83
C GLY A 44 -5.78 -3.93 12.04
N SER A 45 -6.70 -4.57 12.76
CA SER A 45 -6.34 -5.36 13.93
C SER A 45 -6.34 -6.84 13.58
N ALA A 46 -6.09 -7.17 12.33
CA ALA A 46 -5.96 -8.55 11.91
C ALA A 46 -4.64 -9.12 12.41
N SER A 47 -4.67 -10.37 12.87
CA SER A 47 -3.47 -11.00 13.42
C SER A 47 -2.37 -11.09 12.36
N ASN A 48 -2.78 -11.37 11.14
CA ASN A 48 -1.85 -11.50 10.03
C ASN A 48 -1.88 -10.26 9.15
N PHE A 49 -2.33 -9.14 9.70
CA PHE A 49 -2.41 -7.89 8.96
C PHE A 49 -1.03 -7.49 8.44
N ASP A 50 -0.05 -7.59 9.32
CA ASP A 50 1.31 -7.16 9.01
C ASP A 50 1.86 -7.97 7.84
N LEU A 51 1.59 -9.27 7.88
CA LEU A 51 2.02 -10.18 6.82
C LEU A 51 1.25 -9.90 5.53
N TYR A 52 -0.07 -9.81 5.65
CA TYR A 52 -0.93 -9.60 4.50
C TYR A 52 -0.63 -8.28 3.79
N PHE A 53 -0.45 -7.22 4.57
CA PHE A 53 -0.20 -5.89 4.03
C PHE A 53 1.04 -5.90 3.15
N ASN A 54 2.10 -6.50 3.66
CA ASN A 54 3.36 -6.57 2.94
C ASN A 54 3.22 -7.34 1.64
N ASN A 55 2.51 -8.46 1.68
CA ASN A 55 2.28 -9.25 0.48
C ASN A 55 1.44 -8.46 -0.52
N ALA A 56 0.47 -7.71 -0.03
CA ALA A 56 -0.36 -6.87 -0.88
C ALA A 56 0.50 -5.80 -1.56
N ILE A 57 1.40 -5.19 -0.79
CA ILE A 57 2.34 -4.23 -1.34
C ILE A 57 3.22 -4.89 -2.40
N LYS A 58 3.84 -6.00 -2.01
CA LYS A 58 4.73 -6.75 -2.88
C LYS A 58 4.07 -7.13 -4.20
N LYS A 59 2.87 -7.69 -4.12
CA LYS A 59 2.17 -8.15 -5.30
C LYS A 59 1.66 -6.96 -6.11
N GLY A 60 1.35 -5.88 -5.42
CA GLY A 60 0.84 -4.70 -6.08
C GLY A 60 1.92 -3.92 -6.80
N VAL A 61 3.11 -3.82 -6.19
CA VAL A 61 4.20 -3.05 -6.77
C VAL A 61 4.73 -3.72 -8.03
N GLU A 62 4.80 -5.04 -8.04
CA GLU A 62 5.23 -5.77 -9.22
C GLU A 62 4.20 -5.62 -10.34
N ALA A 63 2.93 -5.65 -9.96
CA ALA A 63 1.83 -5.52 -10.91
C ALA A 63 1.81 -4.13 -11.53
N GLY A 64 2.27 -3.16 -10.78
CA GLY A 64 2.27 -1.79 -11.25
C GLY A 64 1.02 -1.05 -10.84
N ASP A 65 0.55 -1.34 -9.63
CA ASP A 65 -0.61 -0.65 -9.08
C ASP A 65 -0.17 0.18 -7.90
N PHE A 66 0.97 -0.22 -7.32
CA PHE A 66 1.65 0.57 -6.33
C PHE A 66 3.14 0.56 -6.67
N GLU A 67 3.86 1.59 -6.27
CA GLU A 67 5.30 1.68 -6.57
C GLU A 67 6.04 2.28 -5.38
N GLN A 68 7.03 1.56 -4.87
CA GLN A 68 7.86 2.06 -3.78
C GLN A 68 9.14 2.67 -4.33
N PRO A 69 9.27 4.00 -4.29
CA PRO A 69 10.50 4.67 -4.70
C PRO A 69 11.67 4.29 -3.80
N LYS A 70 11.37 4.07 -2.52
CA LYS A 70 12.39 3.72 -1.53
C LYS A 70 12.67 2.20 -1.49
N GLY A 71 12.56 1.54 -2.63
CA GLY A 71 12.90 0.13 -2.70
C GLY A 71 11.79 -0.78 -2.19
N PRO A 72 12.15 -1.82 -1.44
CA PRO A 72 11.20 -2.83 -0.98
C PRO A 72 10.56 -2.53 0.36
N ALA A 73 11.27 -1.80 1.22
CA ALA A 73 10.81 -1.58 2.58
C ALA A 73 10.86 -0.10 2.96
N GLY A 74 10.25 0.73 2.12
CA GLY A 74 10.18 2.14 2.41
C GLY A 74 8.84 2.74 2.10
N ALA A 75 8.84 3.94 1.56
CA ALA A 75 7.61 4.62 1.17
C ALA A 75 7.10 4.10 -0.16
N VAL A 76 5.79 3.99 -0.28
CA VAL A 76 5.17 3.60 -1.54
C VAL A 76 4.22 4.68 -2.02
N LYS A 77 4.17 4.89 -3.33
CA LYS A 77 3.28 5.86 -3.93
C LYS A 77 2.32 5.15 -4.87
N LEU A 78 1.07 5.59 -4.94
CA LEU A 78 0.10 4.96 -5.81
C LEU A 78 0.57 4.98 -7.24
N ALA A 79 0.55 3.84 -7.88
CA ALA A 79 1.05 3.73 -9.24
C ALA A 79 -0.08 3.69 -10.25
N LYS A 80 -0.03 4.65 -11.14
CA LYS A 80 -0.85 4.68 -12.33
C LYS A 80 0.04 5.11 -13.48
N LYS A 81 1.27 4.63 -13.40
CA LYS A 81 2.32 4.93 -14.34
C LYS A 81 3.42 3.89 -14.18
N LYS A 82 3.67 3.14 -15.24
CA LYS A 82 4.63 2.04 -15.19
C LYS A 82 6.03 2.55 -14.94
N SER A 83 6.45 3.46 -15.81
CA SER A 83 7.75 4.09 -15.68
C SER A 83 7.80 4.92 -14.40
N PRO A 84 8.87 4.76 -13.60
CA PRO A 84 9.03 5.51 -12.37
C PRO A 84 9.08 7.00 -12.63
N GLU A 85 8.40 7.75 -11.78
CA GLU A 85 8.27 9.17 -11.98
C GLU A 85 8.20 9.89 -10.64
N VAL A 86 9.02 9.42 -9.72
CA VAL A 86 9.17 10.08 -8.43
C VAL A 86 10.35 11.04 -8.50
N LYS A 87 10.33 11.86 -9.53
CA LYS A 87 11.42 12.77 -9.83
C LYS A 87 10.92 14.21 -9.75
N LYS A 88 9.67 14.40 -10.13
CA LYS A 88 9.01 15.69 -9.97
C LYS A 88 8.74 15.93 -8.49
N GLU A 89 8.92 17.18 -8.05
CA GLU A 89 8.78 17.54 -6.64
C GLU A 89 9.89 16.89 -5.82
N LYS A 90 11.12 17.09 -6.28
CA LYS A 90 12.31 16.50 -5.66
C LYS A 90 12.42 15.00 -5.95
N GLU A 91 13.60 14.59 -6.37
CA GLU A 91 13.86 13.19 -6.71
C GLU A 91 13.91 12.32 -5.47
N VAL A 92 13.89 11.01 -5.67
CA VAL A 92 14.05 10.07 -4.58
C VAL A 92 15.45 10.19 -3.99
N SER A 93 15.52 10.63 -2.75
CA SER A 93 16.81 10.86 -2.08
C SER A 93 16.62 10.80 -0.58
N LYS A 2 -21.83 -14.21 4.82
CA LYS A 2 -22.23 -13.32 5.94
C LYS A 2 -21.07 -13.13 6.91
N GLU A 3 -20.38 -14.22 7.25
CA GLU A 3 -19.25 -14.13 8.16
C GLU A 3 -17.97 -13.78 7.39
N GLU A 4 -16.84 -13.90 8.06
CA GLU A 4 -15.54 -13.60 7.48
C GLU A 4 -15.52 -12.16 6.97
N ALA A 5 -15.91 -11.23 7.85
CA ALA A 5 -16.00 -9.82 7.51
C ALA A 5 -14.62 -9.23 7.24
N SER A 6 -13.58 -9.98 7.56
CA SER A 6 -12.21 -9.56 7.32
C SER A 6 -11.86 -9.59 5.83
N SER A 7 -12.87 -9.85 5.00
CA SER A 7 -12.69 -9.88 3.54
C SER A 7 -12.65 -8.47 2.96
N LYS A 8 -11.94 -7.59 3.63
CA LYS A 8 -11.75 -6.24 3.13
C LYS A 8 -10.68 -6.25 2.05
N SER A 9 -10.93 -5.54 0.97
CA SER A 9 -10.01 -5.49 -0.14
C SER A 9 -8.79 -4.65 0.22
N TYR A 10 -7.63 -5.27 0.26
CA TYR A 10 -6.40 -4.56 0.61
C TYR A 10 -6.04 -3.53 -0.46
N ARG A 11 -6.39 -3.82 -1.70
CA ARG A 11 -6.21 -2.86 -2.78
C ARG A 11 -6.97 -1.57 -2.48
N GLU A 12 -8.19 -1.72 -1.97
CA GLU A 12 -9.01 -0.60 -1.58
C GLU A 12 -8.42 0.11 -0.37
N LEU A 13 -8.18 -0.66 0.69
CA LEU A 13 -7.64 -0.13 1.94
C LEU A 13 -6.34 0.64 1.72
N ILE A 14 -5.41 0.00 1.05
CA ILE A 14 -4.09 0.58 0.82
C ILE A 14 -4.19 1.79 -0.09
N ILE A 15 -4.86 1.63 -1.22
CA ILE A 15 -4.98 2.73 -2.18
C ILE A 15 -5.72 3.92 -1.58
N GLU A 16 -6.80 3.65 -0.85
CA GLU A 16 -7.55 4.72 -0.18
C GLU A 16 -6.64 5.55 0.71
N GLY A 17 -5.74 4.87 1.41
CA GLY A 17 -4.76 5.57 2.19
C GLY A 17 -3.69 6.16 1.32
N LEU A 18 -3.01 5.29 0.59
CA LEU A 18 -1.86 5.64 -0.23
C LEU A 18 -2.11 6.91 -1.07
N THR A 19 -3.33 7.06 -1.58
CA THR A 19 -3.70 8.22 -2.36
C THR A 19 -3.84 9.47 -1.47
N ALA A 20 -4.24 9.23 -0.23
CA ALA A 20 -4.55 10.29 0.71
C ALA A 20 -3.32 10.76 1.49
N LEU A 21 -2.46 9.84 1.93
CA LEU A 21 -1.35 10.22 2.80
C LEU A 21 -0.01 10.19 2.09
N LYS A 22 -0.01 10.25 0.76
CA LYS A 22 1.22 10.23 -0.02
C LYS A 22 2.03 11.51 0.23
N GLU A 23 1.31 12.59 0.60
CA GLU A 23 1.91 13.88 0.97
C GLU A 23 2.58 14.60 -0.21
N ARG A 24 3.37 13.90 -0.98
CA ARG A 24 4.06 14.51 -2.10
C ARG A 24 4.31 13.49 -3.20
N LYS A 25 4.80 12.31 -2.82
CA LYS A 25 5.03 11.24 -3.78
C LYS A 25 5.47 9.96 -3.09
N GLY A 26 5.06 9.78 -1.85
CA GLY A 26 5.42 8.58 -1.13
C GLY A 26 5.02 8.63 0.33
N SER A 27 4.41 7.54 0.78
CA SER A 27 3.99 7.42 2.17
C SER A 27 4.54 6.14 2.77
N SER A 28 4.96 6.22 4.02
CA SER A 28 5.56 5.09 4.72
C SER A 28 4.56 3.94 4.83
N ARG A 29 5.04 2.73 4.59
CA ARG A 29 4.21 1.53 4.67
C ARG A 29 3.52 1.40 6.04
N PRO A 30 4.24 1.56 7.17
CA PRO A 30 3.62 1.50 8.50
C PRO A 30 2.49 2.52 8.67
N ALA A 31 2.64 3.68 8.04
CA ALA A 31 1.63 4.73 8.09
C ALA A 31 0.32 4.24 7.48
N LEU A 32 0.39 3.59 6.32
CA LEU A 32 -0.79 3.04 5.67
C LEU A 32 -1.48 2.01 6.56
N LYS A 33 -0.70 1.17 7.23
CA LYS A 33 -1.26 0.16 8.12
C LYS A 33 -2.04 0.82 9.24
N LYS A 34 -1.56 1.98 9.70
CA LYS A 34 -2.26 2.76 10.69
C LYS A 34 -3.57 3.26 10.12
N PHE A 35 -3.46 3.86 8.94
CA PHE A 35 -4.61 4.39 8.23
C PHE A 35 -5.70 3.33 8.08
N ILE A 36 -5.29 2.12 7.74
CA ILE A 36 -6.22 1.02 7.57
C ILE A 36 -6.89 0.67 8.89
N LYS A 37 -6.12 0.62 9.97
CA LYS A 37 -6.66 0.33 11.29
C LYS A 37 -7.64 1.41 11.74
N GLU A 38 -7.32 2.66 11.45
CA GLU A 38 -8.15 3.79 11.85
C GLU A 38 -9.52 3.73 11.19
N ASN A 39 -9.52 3.38 9.91
CA ASN A 39 -10.76 3.39 9.13
C ASN A 39 -11.44 2.03 9.11
N TYR A 40 -10.66 0.96 8.92
CA TYR A 40 -11.21 -0.39 8.85
C TYR A 40 -10.61 -1.27 9.95
N PRO A 41 -11.14 -1.19 11.18
CA PRO A 41 -10.65 -1.98 12.31
C PRO A 41 -10.78 -3.48 12.08
N ILE A 42 -11.71 -3.86 11.20
CA ILE A 42 -11.95 -5.26 10.86
C ILE A 42 -10.65 -5.94 10.44
N VAL A 43 -10.11 -5.44 9.35
CA VAL A 43 -8.86 -5.91 8.82
C VAL A 43 -7.71 -5.35 9.63
N GLY A 44 -7.89 -4.13 10.14
CA GLY A 44 -6.85 -3.50 10.91
C GLY A 44 -6.36 -4.37 12.05
N SER A 45 -7.30 -5.02 12.73
CA SER A 45 -6.96 -5.92 13.82
C SER A 45 -7.08 -7.37 13.39
N ALA A 46 -6.85 -7.65 12.12
CA ALA A 46 -6.96 -9.01 11.60
C ALA A 46 -5.71 -9.84 11.86
N SER A 47 -5.24 -9.81 13.11
CA SER A 47 -4.09 -10.60 13.55
C SER A 47 -2.86 -10.30 12.68
N ASN A 48 -2.54 -11.22 11.76
CA ASN A 48 -1.39 -11.06 10.88
C ASN A 48 -1.72 -10.15 9.70
N PHE A 49 -2.47 -9.09 9.98
CA PHE A 49 -2.79 -8.08 8.99
C PHE A 49 -1.52 -7.46 8.43
N ASP A 50 -0.57 -7.23 9.33
CA ASP A 50 0.70 -6.62 8.96
C ASP A 50 1.40 -7.44 7.88
N LEU A 51 1.42 -8.75 8.09
CA LEU A 51 2.04 -9.68 7.15
C LEU A 51 1.31 -9.61 5.81
N TYR A 52 -0.01 -9.61 5.87
CA TYR A 52 -0.82 -9.55 4.67
C TYR A 52 -0.58 -8.24 3.91
N PHE A 53 -0.49 -7.14 4.66
CA PHE A 53 -0.22 -5.82 4.08
C PHE A 53 1.11 -5.81 3.36
N ASN A 54 2.16 -6.28 4.05
CA ASN A 54 3.51 -6.23 3.50
C ASN A 54 3.61 -7.00 2.19
N ASN A 55 3.00 -8.18 2.15
CA ASN A 55 2.98 -8.99 0.93
C ASN A 55 2.21 -8.27 -0.18
N ALA A 56 1.09 -7.65 0.20
CA ALA A 56 0.28 -6.90 -0.75
C ALA A 56 1.07 -5.76 -1.38
N ILE A 57 1.88 -5.08 -0.57
CA ILE A 57 2.73 -4.00 -1.07
C ILE A 57 3.75 -4.54 -2.06
N LYS A 58 4.43 -5.62 -1.68
CA LYS A 58 5.42 -6.25 -2.53
C LYS A 58 4.81 -6.69 -3.86
N LYS A 59 3.68 -7.39 -3.77
CA LYS A 59 3.02 -7.92 -4.95
C LYS A 59 2.49 -6.78 -5.83
N GLY A 60 1.97 -5.76 -5.18
CA GLY A 60 1.33 -4.67 -5.90
C GLY A 60 2.32 -3.83 -6.70
N VAL A 61 3.46 -3.52 -6.11
CA VAL A 61 4.43 -2.64 -6.77
C VAL A 61 5.00 -3.28 -8.03
N GLU A 62 5.24 -4.59 -7.99
CA GLU A 62 5.75 -5.30 -9.15
C GLU A 62 4.66 -5.46 -10.22
N ALA A 63 3.44 -5.77 -9.77
CA ALA A 63 2.33 -5.99 -10.69
C ALA A 63 1.94 -4.71 -11.42
N GLY A 64 1.92 -3.62 -10.68
CA GLY A 64 1.55 -2.34 -11.25
C GLY A 64 0.33 -1.76 -10.57
N ASP A 65 0.29 -1.90 -9.25
CA ASP A 65 -0.82 -1.39 -8.45
C ASP A 65 -0.32 -0.27 -7.57
N PHE A 66 0.90 -0.46 -7.06
CA PHE A 66 1.52 0.55 -6.21
C PHE A 66 2.93 0.85 -6.73
N GLU A 67 3.46 1.99 -6.34
CA GLU A 67 4.79 2.41 -6.76
C GLU A 67 5.63 2.77 -5.53
N GLN A 68 6.93 2.48 -5.58
CA GLN A 68 7.81 2.84 -4.49
C GLN A 68 9.03 3.60 -4.99
N PRO A 69 9.05 4.93 -4.76
CA PRO A 69 10.17 5.78 -5.16
C PRO A 69 11.36 5.68 -4.21
N LYS A 70 11.65 4.46 -3.75
CA LYS A 70 12.80 4.21 -2.88
C LYS A 70 13.35 2.81 -3.12
N GLY A 71 12.50 1.81 -2.99
CA GLY A 71 12.92 0.44 -3.22
C GLY A 71 11.84 -0.55 -2.83
N PRO A 72 12.23 -1.73 -2.31
CA PRO A 72 11.28 -2.77 -1.93
C PRO A 72 10.47 -2.44 -0.67
N ALA A 73 11.13 -1.83 0.31
CA ALA A 73 10.48 -1.53 1.58
C ALA A 73 10.63 -0.06 1.93
N GLY A 74 10.49 0.80 0.95
CA GLY A 74 10.53 2.23 1.20
C GLY A 74 9.15 2.81 1.30
N ALA A 75 9.00 4.04 0.83
CA ALA A 75 7.71 4.71 0.81
C ALA A 75 6.93 4.32 -0.44
N VAL A 76 5.62 4.13 -0.29
CA VAL A 76 4.78 3.76 -1.42
C VAL A 76 3.96 4.96 -1.89
N LYS A 77 3.59 4.94 -3.15
CA LYS A 77 2.70 5.94 -3.72
C LYS A 77 1.88 5.28 -4.82
N LEU A 78 0.63 5.70 -4.95
CA LEU A 78 -0.25 5.13 -5.94
C LEU A 78 0.38 5.14 -7.33
N ALA A 79 0.30 4.01 -8.02
CA ALA A 79 0.73 3.94 -9.40
C ALA A 79 -0.11 4.87 -10.26
N LYS A 80 0.55 5.69 -11.06
CA LYS A 80 -0.14 6.73 -11.81
C LYS A 80 -1.13 6.16 -12.81
N LYS A 81 -0.66 5.27 -13.68
CA LYS A 81 -1.53 4.68 -14.70
C LYS A 81 -1.38 3.16 -14.70
N LYS A 82 -1.18 2.61 -13.50
CA LYS A 82 -0.92 1.17 -13.31
C LYS A 82 0.48 0.79 -13.82
N SER A 83 0.77 1.15 -15.06
CA SER A 83 2.09 1.00 -15.62
C SER A 83 3.05 1.99 -14.94
N PRO A 84 4.33 1.61 -14.80
CA PRO A 84 5.34 2.45 -14.14
C PRO A 84 5.35 3.88 -14.65
N GLU A 85 5.43 4.83 -13.74
CA GLU A 85 5.36 6.24 -14.08
C GLU A 85 6.01 7.08 -12.98
N VAL A 86 7.20 6.67 -12.57
CA VAL A 86 7.92 7.35 -11.50
C VAL A 86 9.38 7.57 -11.91
N LYS A 87 9.59 8.42 -12.91
CA LYS A 87 10.94 8.73 -13.38
C LYS A 87 11.60 9.78 -12.48
N LYS A 88 11.76 9.44 -11.22
CA LYS A 88 12.36 10.34 -10.24
C LYS A 88 13.84 10.54 -10.53
N GLU A 89 14.41 9.64 -11.31
CA GLU A 89 15.82 9.68 -11.66
C GLU A 89 16.06 8.75 -12.84
N LYS A 90 17.13 9.00 -13.58
CA LYS A 90 17.46 8.18 -14.73
C LYS A 90 17.73 6.75 -14.27
N GLU A 91 18.45 6.61 -13.17
CA GLU A 91 18.77 5.30 -12.62
C GLU A 91 17.67 4.78 -11.69
N VAL A 92 16.42 5.15 -11.96
CA VAL A 92 15.30 4.67 -11.17
C VAL A 92 15.02 3.20 -11.50
N SER A 93 15.21 2.85 -12.76
CA SER A 93 15.03 1.48 -13.21
C SER A 93 16.20 0.61 -12.76
N LYS A 2 -21.24 -17.15 8.06
CA LYS A 2 -19.91 -16.51 7.94
C LYS A 2 -19.00 -17.32 7.04
N GLU A 3 -18.30 -16.63 6.14
CA GLU A 3 -17.40 -17.30 5.22
C GLU A 3 -15.94 -16.97 5.55
N GLU A 4 -15.68 -15.69 5.77
CA GLU A 4 -14.33 -15.23 6.09
C GLU A 4 -14.38 -13.91 6.85
N ALA A 5 -13.48 -13.75 7.80
CA ALA A 5 -13.40 -12.52 8.57
C ALA A 5 -12.31 -11.62 8.00
N SER A 6 -12.59 -10.31 8.00
CA SER A 6 -11.65 -9.32 7.50
C SER A 6 -11.39 -9.50 6.02
N SER A 7 -12.46 -9.69 5.26
CA SER A 7 -12.35 -9.87 3.82
C SER A 7 -12.31 -8.52 3.11
N LYS A 8 -11.56 -7.58 3.67
CA LYS A 8 -11.38 -6.28 3.05
C LYS A 8 -10.18 -6.35 2.12
N SER A 9 -10.40 -6.07 0.84
CA SER A 9 -9.32 -6.10 -0.13
C SER A 9 -8.32 -4.99 0.17
N TYR A 10 -7.07 -5.38 0.39
CA TYR A 10 -6.03 -4.44 0.78
C TYR A 10 -5.78 -3.42 -0.32
N ARG A 11 -6.12 -3.78 -1.55
CA ARG A 11 -5.97 -2.86 -2.67
C ARG A 11 -6.80 -1.59 -2.45
N GLU A 12 -7.99 -1.76 -1.87
CA GLU A 12 -8.84 -0.64 -1.55
C GLU A 12 -8.25 0.14 -0.38
N LEU A 13 -7.93 -0.61 0.68
CA LEU A 13 -7.35 -0.06 1.89
C LEU A 13 -6.09 0.76 1.59
N ILE A 14 -5.17 0.15 0.87
CA ILE A 14 -3.90 0.76 0.54
C ILE A 14 -4.09 1.99 -0.32
N ILE A 15 -4.80 1.84 -1.43
CA ILE A 15 -5.00 2.95 -2.35
C ILE A 15 -5.74 4.11 -1.69
N GLU A 16 -6.80 3.79 -0.95
CA GLU A 16 -7.57 4.81 -0.23
C GLU A 16 -6.65 5.62 0.67
N GLY A 17 -5.78 4.93 1.37
CA GLY A 17 -4.78 5.62 2.15
C GLY A 17 -3.78 6.30 1.26
N LEU A 18 -3.06 5.50 0.51
CA LEU A 18 -1.96 5.93 -0.34
C LEU A 18 -2.26 7.23 -1.08
N THR A 19 -3.46 7.33 -1.64
CA THR A 19 -3.86 8.51 -2.39
C THR A 19 -4.12 9.70 -1.45
N ALA A 20 -4.48 9.39 -0.23
CA ALA A 20 -4.82 10.38 0.77
C ALA A 20 -3.61 10.88 1.55
N LEU A 21 -2.67 9.98 1.90
CA LEU A 21 -1.60 10.34 2.81
C LEU A 21 -0.23 10.32 2.10
N LYS A 22 -0.23 10.42 0.78
CA LYS A 22 1.00 10.41 0.00
C LYS A 22 1.90 11.60 0.38
N GLU A 23 1.26 12.71 0.76
CA GLU A 23 1.96 13.94 1.14
C GLU A 23 2.86 14.41 0.00
N ARG A 24 4.16 14.17 0.15
CA ARG A 24 5.15 14.62 -0.82
C ARG A 24 4.96 13.91 -2.16
N LYS A 25 4.55 12.64 -2.12
CA LYS A 25 4.30 11.84 -3.31
C LYS A 25 3.99 10.39 -2.92
N GLY A 26 4.68 9.91 -1.91
CA GLY A 26 4.50 8.54 -1.46
C GLY A 26 4.58 8.43 0.05
N SER A 27 3.98 7.39 0.59
CA SER A 27 3.91 7.22 2.04
C SER A 27 4.50 5.88 2.47
N SER A 28 5.20 5.90 3.60
CA SER A 28 5.78 4.69 4.16
C SER A 28 4.68 3.70 4.56
N ARG A 29 4.98 2.39 4.47
CA ARG A 29 4.01 1.36 4.82
C ARG A 29 3.34 1.59 6.17
N PRO A 30 4.12 1.84 7.26
CA PRO A 30 3.56 2.07 8.60
C PRO A 30 2.45 3.12 8.62
N ALA A 31 2.58 4.12 7.75
CA ALA A 31 1.58 5.17 7.64
C ALA A 31 0.25 4.61 7.15
N LEU A 32 0.29 3.81 6.08
CA LEU A 32 -0.91 3.18 5.55
C LEU A 32 -1.49 2.18 6.54
N LYS A 33 -0.61 1.45 7.23
CA LYS A 33 -1.05 0.49 8.25
C LYS A 33 -1.86 1.21 9.31
N LYS A 34 -1.42 2.40 9.67
CA LYS A 34 -2.12 3.24 10.64
C LYS A 34 -3.47 3.64 10.10
N PHE A 35 -3.44 4.17 8.89
CA PHE A 35 -4.66 4.59 8.19
C PHE A 35 -5.68 3.47 8.15
N ILE A 36 -5.22 2.26 7.84
CA ILE A 36 -6.09 1.12 7.73
C ILE A 36 -6.69 0.73 9.08
N LYS A 37 -5.86 0.68 10.11
CA LYS A 37 -6.33 0.32 11.45
C LYS A 37 -7.41 1.29 11.93
N GLU A 38 -7.20 2.58 11.69
CA GLU A 38 -8.11 3.61 12.14
C GLU A 38 -9.46 3.54 11.39
N ASN A 39 -9.39 3.27 10.10
CA ASN A 39 -10.59 3.32 9.25
C ASN A 39 -11.25 1.95 9.10
N TYR A 40 -10.44 0.91 9.03
CA TYR A 40 -10.94 -0.46 8.88
C TYR A 40 -10.39 -1.36 9.99
N PRO A 41 -10.88 -1.21 11.23
CA PRO A 41 -10.43 -2.02 12.37
C PRO A 41 -10.58 -3.52 12.13
N ILE A 42 -11.48 -3.88 11.23
CA ILE A 42 -11.70 -5.28 10.85
C ILE A 42 -10.41 -5.94 10.45
N VAL A 43 -9.88 -5.50 9.32
CA VAL A 43 -8.62 -5.96 8.81
C VAL A 43 -7.48 -5.44 9.68
N GLY A 44 -7.65 -4.22 10.18
CA GLY A 44 -6.62 -3.60 10.97
C GLY A 44 -6.16 -4.46 12.12
N SER A 45 -7.11 -5.10 12.79
CA SER A 45 -6.80 -6.00 13.88
C SER A 45 -7.03 -7.45 13.46
N ALA A 46 -6.67 -7.78 12.22
CA ALA A 46 -6.84 -9.13 11.69
C ALA A 46 -5.70 -10.05 12.11
N SER A 47 -4.90 -9.60 13.09
CA SER A 47 -3.78 -10.37 13.64
C SER A 47 -2.61 -10.48 12.65
N ASN A 48 -2.87 -11.05 11.49
CA ASN A 48 -1.85 -11.19 10.45
C ASN A 48 -1.97 -10.06 9.43
N PHE A 49 -2.55 -8.96 9.86
CA PHE A 49 -2.74 -7.79 9.02
C PHE A 49 -1.42 -7.30 8.44
N ASP A 50 -0.40 -7.23 9.28
CA ASP A 50 0.88 -6.67 8.89
C ASP A 50 1.55 -7.55 7.83
N LEU A 51 1.44 -8.87 8.02
CA LEU A 51 1.97 -9.83 7.05
C LEU A 51 1.21 -9.69 5.74
N TYR A 52 -0.11 -9.67 5.82
CA TYR A 52 -0.96 -9.54 4.65
C TYR A 52 -0.70 -8.22 3.93
N PHE A 53 -0.50 -7.17 4.70
CA PHE A 53 -0.26 -5.83 4.15
C PHE A 53 1.02 -5.81 3.30
N ASN A 54 2.09 -6.36 3.85
CA ASN A 54 3.37 -6.40 3.16
C ASN A 54 3.27 -7.20 1.87
N ASN A 55 2.57 -8.32 1.92
CA ASN A 55 2.34 -9.15 0.74
C ASN A 55 1.60 -8.36 -0.33
N ALA A 56 0.59 -7.60 0.11
CA ALA A 56 -0.19 -6.78 -0.80
C ALA A 56 0.67 -5.72 -1.47
N ILE A 57 1.54 -5.09 -0.67
CA ILE A 57 2.45 -4.06 -1.17
C ILE A 57 3.38 -4.64 -2.24
N LYS A 58 4.04 -5.74 -1.90
CA LYS A 58 5.03 -6.36 -2.77
C LYS A 58 4.38 -6.88 -4.06
N LYS A 59 3.25 -7.55 -3.92
CA LYS A 59 2.55 -8.10 -5.07
C LYS A 59 1.99 -6.97 -5.93
N GLY A 60 1.52 -5.93 -5.29
CA GLY A 60 0.94 -4.80 -6.01
C GLY A 60 1.96 -4.04 -6.83
N VAL A 61 3.14 -3.79 -6.26
CA VAL A 61 4.16 -3.00 -6.95
C VAL A 61 4.69 -3.73 -8.19
N GLU A 62 4.84 -5.04 -8.09
CA GLU A 62 5.33 -5.83 -9.22
C GLU A 62 4.26 -5.93 -10.31
N ALA A 63 3.01 -6.16 -9.88
CA ALA A 63 1.90 -6.30 -10.82
C ALA A 63 1.68 -5.02 -11.61
N GLY A 64 1.83 -3.89 -10.95
CA GLY A 64 1.63 -2.61 -11.60
C GLY A 64 0.48 -1.84 -11.01
N ASP A 65 0.32 -1.97 -9.70
CA ASP A 65 -0.76 -1.32 -8.99
C ASP A 65 -0.21 -0.24 -8.08
N PHE A 66 0.96 -0.51 -7.50
CA PHE A 66 1.64 0.47 -6.66
C PHE A 66 3.09 0.61 -7.09
N GLU A 67 3.73 1.70 -6.68
CA GLU A 67 5.13 1.95 -7.00
C GLU A 67 5.85 2.43 -5.76
N GLN A 68 7.14 2.13 -5.65
CA GLN A 68 7.90 2.57 -4.49
C GLN A 68 9.14 3.36 -4.91
N PRO A 69 9.16 4.67 -4.59
CA PRO A 69 10.25 5.56 -4.98
C PRO A 69 11.50 5.39 -4.12
N LYS A 70 11.31 5.08 -2.85
CA LYS A 70 12.43 4.99 -1.91
C LYS A 70 13.12 3.63 -2.00
N GLY A 71 12.32 2.57 -2.01
CA GLY A 71 12.88 1.24 -2.11
C GLY A 71 11.82 0.17 -1.93
N PRO A 72 12.21 -1.11 -1.88
CA PRO A 72 11.28 -2.24 -1.69
C PRO A 72 10.49 -2.13 -0.39
N ALA A 73 11.10 -1.51 0.62
CA ALA A 73 10.45 -1.30 1.90
C ALA A 73 10.69 0.13 2.38
N GLY A 74 10.62 1.06 1.44
CA GLY A 74 10.88 2.45 1.76
C GLY A 74 9.62 3.26 1.90
N ALA A 75 8.81 3.27 0.85
CA ALA A 75 7.56 4.00 0.82
C ALA A 75 6.79 3.68 -0.45
N VAL A 76 5.48 3.60 -0.34
CA VAL A 76 4.63 3.29 -1.48
C VAL A 76 4.02 4.56 -2.07
N LYS A 77 3.77 4.52 -3.36
CA LYS A 77 3.14 5.60 -4.08
C LYS A 77 2.23 5.00 -5.13
N LEU A 78 1.06 5.59 -5.37
CA LEU A 78 0.14 5.06 -6.37
C LEU A 78 0.86 4.90 -7.70
N ALA A 79 0.72 3.74 -8.32
CA ALA A 79 1.28 3.56 -9.65
C ALA A 79 0.50 4.39 -10.64
N LYS A 80 1.19 5.32 -11.24
CA LYS A 80 0.58 6.27 -12.17
C LYS A 80 1.63 6.65 -13.20
N LYS A 81 2.62 5.76 -13.33
CA LYS A 81 3.71 5.92 -14.27
C LYS A 81 4.21 4.54 -14.67
N LYS A 82 4.44 4.32 -15.95
CA LYS A 82 4.97 3.05 -16.41
C LYS A 82 6.44 2.96 -16.08
N SER A 83 7.18 3.97 -16.53
CA SER A 83 8.59 4.09 -16.21
C SER A 83 8.75 4.82 -14.89
N PRO A 84 9.80 4.48 -14.11
CA PRO A 84 10.05 5.11 -12.82
C PRO A 84 10.27 6.61 -12.96
N GLU A 85 9.83 7.34 -11.96
CA GLU A 85 9.94 8.80 -11.96
C GLU A 85 10.38 9.29 -10.59
N VAL A 86 11.49 8.76 -10.12
CA VAL A 86 12.03 9.15 -8.83
C VAL A 86 13.06 10.26 -9.02
N LYS A 87 12.98 11.31 -8.21
CA LYS A 87 13.86 12.45 -8.40
C LYS A 87 14.56 12.83 -7.09
N LYS A 88 15.85 12.54 -7.04
CA LYS A 88 16.72 12.90 -5.92
C LYS A 88 16.09 12.57 -4.57
N GLU A 89 15.55 11.35 -4.45
CA GLU A 89 14.99 10.87 -3.21
C GLU A 89 16.11 10.64 -2.21
N LYS A 90 17.16 9.97 -2.68
CA LYS A 90 18.36 9.73 -1.90
C LYS A 90 19.48 9.33 -2.85
N GLU A 91 19.38 9.85 -4.07
CA GLU A 91 20.32 9.54 -5.14
C GLU A 91 20.42 8.03 -5.35
N VAL A 92 19.27 7.37 -5.34
CA VAL A 92 19.20 5.94 -5.51
C VAL A 92 18.97 5.61 -6.99
N SER A 93 19.76 4.67 -7.50
CA SER A 93 19.69 4.27 -8.91
C SER A 93 20.08 5.43 -9.82
#